data_2C2W
#
_entry.id   2C2W
#
_cell.length_a   75.510
_cell.length_b   129.206
_cell.length_c   183.153
_cell.angle_alpha   90.00
_cell.angle_beta   90.00
_cell.angle_gamma   90.00
#
_symmetry.space_group_name_H-M   'C 2 2 21'
#
loop_
_entity.id
_entity.type
_entity.pdbx_description
1 polymer "5'-FLUORO-5'-DEOXYADENOSINE SYNTHASE"
2 non-polymer "5'-CHLORO-5'-DEOXYADENOSINE"
3 non-polymer 'CHLORIDE ION'
4 water water
#
_entity_poly.entity_id   1
_entity_poly.type   'polypeptide(L)'
_entity_poly.pdbx_seq_one_letter_code
;MAANSTRRPIIAFMSDLGTTDDSVAQCKGLMYSICPDVTVVDVCHSMTPWDVEEGARYIVDLPRFFPEGTVFATTTYPAT
GTTTRSVAVRIKQAAKGGARGQWAGSGAGFERAEGSYIYIAPNNGLLTTVLEEHGYLEAYEVTSPKVIPEQPEPTFYSRE
MVAIPSAHLAAGFPLSEVGRPLEDHEIVRFNRPAVEQDGEALVGVVSAIDHPFGNVWTNIHRTDLEKAGIGYGARLRLTL
DGVLPFEAPLTPTFADAGEIGNIAIYLNSRGYLSIARNAASLAYPYHLKEGMSARVEAR
;
_entity_poly.pdbx_strand_id   A,B,C
#
# COMPACT_ATOMS: atom_id res chain seq x y z
N ARG A 8 -21.73 10.32 -2.94
CA ARG A 8 -20.58 9.59 -2.30
C ARG A 8 -20.02 8.56 -3.26
N PRO A 9 -19.60 9.00 -4.45
CA PRO A 9 -19.11 8.07 -5.48
C PRO A 9 -17.80 7.42 -5.06
N ILE A 10 -17.61 6.17 -5.51
CA ILE A 10 -16.41 5.43 -5.22
C ILE A 10 -15.84 4.93 -6.52
N ILE A 11 -14.53 4.98 -6.63
CA ILE A 11 -13.81 4.32 -7.69
C ILE A 11 -12.87 3.33 -7.01
N ALA A 12 -12.97 2.07 -7.43
CA ALA A 12 -12.10 1.04 -6.90
C ALA A 12 -11.12 0.76 -8.02
N PHE A 13 -9.84 0.85 -7.69
CA PHE A 13 -8.77 1.02 -8.65
C PHE A 13 -7.78 -0.16 -8.54
N MET A 14 -7.64 -0.90 -9.64
CA MET A 14 -6.76 -2.03 -9.71
C MET A 14 -5.86 -1.79 -10.91
N SER A 15 -4.56 -1.77 -10.70
CA SER A 15 -3.64 -1.59 -11.82
C SER A 15 -2.40 -2.44 -11.64
N ASP A 16 -1.51 -2.39 -12.62
CA ASP A 16 -0.20 -3.03 -12.50
C ASP A 16 0.86 -1.95 -12.29
N LEU A 17 0.44 -0.79 -11.79
CA LEU A 17 1.33 0.38 -11.69
C LEU A 17 2.37 0.27 -10.58
N GLY A 18 2.10 -0.63 -9.63
CA GLY A 18 2.92 -0.80 -8.45
C GLY A 18 2.70 0.32 -7.44
N THR A 19 3.37 0.22 -6.30
CA THR A 19 3.27 1.25 -5.28
C THR A 19 4.66 1.78 -4.90
N THR A 20 5.57 1.85 -5.85
CA THR A 20 6.94 2.24 -5.53
C THR A 20 7.28 3.65 -6.05
N ASP A 21 6.38 4.21 -6.85
CA ASP A 21 6.56 5.57 -7.31
C ASP A 21 5.23 6.31 -7.32
N ASP A 22 5.20 7.43 -8.01
CA ASP A 22 4.06 8.33 -7.98
C ASP A 22 3.01 8.05 -9.06
N SER A 23 3.11 6.91 -9.74
CA SER A 23 2.16 6.61 -10.81
C SER A 23 0.69 6.58 -10.37
N VAL A 24 0.41 5.85 -9.29
CA VAL A 24 -0.95 5.72 -8.79
C VAL A 24 -1.44 7.07 -8.27
N ALA A 25 -0.54 7.81 -7.62
CA ALA A 25 -0.88 9.11 -7.06
C ALA A 25 -1.23 10.12 -8.15
N GLN A 26 -0.57 10.01 -9.31
CA GLN A 26 -0.92 10.86 -10.45
C GLN A 26 -2.35 10.59 -10.89
N CYS A 27 -2.70 9.31 -10.98
CA CYS A 27 -4.04 8.90 -11.33
C CYS A 27 -5.04 9.40 -10.31
N LYS A 28 -4.71 9.25 -9.02
CA LYS A 28 -5.60 9.70 -7.93
C LYS A 28 -5.81 11.21 -7.86
N GLY A 29 -4.76 11.99 -8.06
CA GLY A 29 -4.90 13.44 -8.05
C GLY A 29 -5.89 13.85 -9.13
N LEU A 30 -5.77 13.23 -10.30
CA LEU A 30 -6.72 13.48 -11.40
C LEU A 30 -8.14 13.04 -11.08
N MET A 31 -8.28 11.88 -10.42
CA MET A 31 -9.60 11.39 -10.02
C MET A 31 -10.30 12.34 -9.04
N TYR A 32 -9.55 12.88 -8.08
CA TYR A 32 -10.10 13.85 -7.14
C TYR A 32 -10.34 15.20 -7.81
N SER A 33 -9.50 15.53 -8.79
CA SER A 33 -9.66 16.77 -9.57
C SER A 33 -10.97 16.76 -10.36
N ILE A 34 -11.26 15.63 -10.99
CA ILE A 34 -12.43 15.46 -11.84
C ILE A 34 -13.72 15.23 -11.04
N CYS A 35 -13.62 14.43 -10.00
CA CYS A 35 -14.78 14.05 -9.17
C CYS A 35 -14.49 14.42 -7.75
N PRO A 36 -14.70 15.69 -7.40
CA PRO A 36 -14.23 16.19 -6.10
C PRO A 36 -14.77 15.43 -4.87
N ASP A 37 -15.90 14.76 -5.02
CA ASP A 37 -16.55 14.08 -3.88
C ASP A 37 -16.14 12.60 -3.82
N VAL A 38 -15.30 12.18 -4.76
CA VAL A 38 -15.04 10.76 -4.93
C VAL A 38 -14.23 10.17 -3.76
N THR A 39 -14.44 8.89 -3.48
CA THR A 39 -13.51 8.11 -2.65
C THR A 39 -12.81 7.11 -3.56
N VAL A 40 -11.49 7.07 -3.53
CA VAL A 40 -10.76 6.12 -4.35
C VAL A 40 -10.28 5.00 -3.45
N VAL A 41 -10.78 3.80 -3.70
CA VAL A 41 -10.38 2.64 -2.93
C VAL A 41 -9.39 1.83 -3.75
N ASP A 42 -8.23 1.57 -3.17
CA ASP A 42 -7.28 0.75 -3.88
C ASP A 42 -7.75 -0.69 -3.79
N VAL A 43 -7.68 -1.39 -4.91
CA VAL A 43 -7.93 -2.83 -4.88
C VAL A 43 -6.55 -3.43 -4.64
N CYS A 44 -5.73 -3.43 -5.69
CA CYS A 44 -4.30 -3.69 -5.55
C CYS A 44 -3.57 -3.19 -6.78
N HIS A 45 -2.27 -3.02 -6.66
CA HIS A 45 -1.47 -2.45 -7.74
C HIS A 45 -0.24 -3.29 -8.02
N SER A 46 -0.20 -4.47 -7.39
CA SER A 46 0.96 -5.35 -7.44
C SER A 46 0.88 -6.49 -8.47
N MET A 47 -0.19 -6.58 -9.24
CA MET A 47 -0.33 -7.67 -10.18
C MET A 47 0.91 -7.81 -11.10
N THR A 48 1.20 -9.03 -11.53
CA THR A 48 2.22 -9.25 -12.55
C THR A 48 1.83 -8.41 -13.74
N PRO A 49 2.70 -7.47 -14.15
CA PRO A 49 2.43 -6.66 -15.31
C PRO A 49 2.05 -7.49 -16.54
N TRP A 50 0.99 -7.09 -17.22
CA TRP A 50 0.59 -7.65 -18.52
C TRP A 50 -0.01 -9.05 -18.40
N ASP A 51 -0.29 -9.48 -17.17
CA ASP A 51 -0.91 -10.79 -16.96
C ASP A 51 -2.41 -10.57 -16.82
N VAL A 52 -3.11 -10.57 -17.95
CA VAL A 52 -4.52 -10.16 -17.93
C VAL A 52 -5.37 -11.14 -17.10
N GLU A 53 -4.95 -12.40 -17.08
CA GLU A 53 -5.66 -13.44 -16.33
C GLU A 53 -5.58 -13.24 -14.84
N GLU A 54 -4.40 -12.88 -14.36
CA GLU A 54 -4.23 -12.56 -12.94
C GLU A 54 -4.98 -11.29 -12.57
N GLY A 55 -4.91 -10.29 -13.42
CA GLY A 55 -5.62 -9.06 -13.15
C GLY A 55 -7.11 -9.32 -13.01
N ALA A 56 -7.63 -10.23 -13.83
CA ALA A 56 -9.06 -10.55 -13.84
C ALA A 56 -9.52 -11.15 -12.52
N ARG A 57 -8.66 -11.97 -11.91
CA ARG A 57 -9.01 -12.60 -10.62
C ARG A 57 -9.19 -11.60 -9.49
N TYR A 58 -8.44 -10.50 -9.55
CA TYR A 58 -8.54 -9.45 -8.52
C TYR A 58 -9.75 -8.55 -8.65
N ILE A 59 -10.48 -8.65 -9.77
CA ILE A 59 -11.62 -7.73 -9.99
C ILE A 59 -12.98 -8.39 -10.16
N VAL A 60 -12.99 -9.67 -10.53
CA VAL A 60 -14.22 -10.38 -10.87
C VAL A 60 -15.26 -10.45 -9.74
N ASP A 61 -14.80 -10.53 -8.50
CA ASP A 61 -15.72 -10.75 -7.37
C ASP A 61 -16.06 -9.45 -6.58
N LEU A 62 -15.55 -8.32 -7.03
CA LEU A 62 -15.70 -7.09 -6.26
C LEU A 62 -17.14 -6.52 -6.14
N PRO A 63 -17.94 -6.63 -7.22
CA PRO A 63 -19.22 -5.89 -7.22
C PRO A 63 -20.06 -6.02 -5.95
N ARG A 64 -20.27 -7.25 -5.48
CA ARG A 64 -21.22 -7.46 -4.39
C ARG A 64 -20.74 -6.87 -3.06
N PHE A 65 -19.44 -6.57 -2.98
CA PHE A 65 -18.88 -5.94 -1.78
C PHE A 65 -19.04 -4.43 -1.72
N PHE A 66 -19.25 -3.80 -2.87
CA PHE A 66 -19.28 -2.35 -2.96
C PHE A 66 -20.64 -1.70 -3.08
N PRO A 67 -20.75 -0.46 -2.57
CA PRO A 67 -22.01 0.24 -2.74
C PRO A 67 -22.41 0.28 -4.21
N GLU A 68 -23.71 0.19 -4.46
CA GLU A 68 -24.20 0.31 -5.82
C GLU A 68 -23.75 1.65 -6.42
N GLY A 69 -23.42 1.64 -7.70
CA GLY A 69 -22.92 2.85 -8.38
C GLY A 69 -21.41 2.98 -8.38
N THR A 70 -20.73 2.04 -7.74
CA THR A 70 -19.28 2.05 -7.72
C THR A 70 -18.72 1.87 -9.13
N VAL A 71 -17.65 2.60 -9.45
CA VAL A 71 -16.94 2.40 -10.69
C VAL A 71 -15.64 1.66 -10.41
N PHE A 72 -15.40 0.61 -11.19
CA PHE A 72 -14.15 -0.14 -11.09
C PHE A 72 -13.24 0.22 -12.26
N ALA A 73 -12.13 0.86 -11.91
CA ALA A 73 -11.10 1.27 -12.85
C ALA A 73 -10.01 0.21 -12.76
N THR A 74 -9.93 -0.62 -13.79
CA THR A 74 -9.10 -1.83 -13.74
C THR A 74 -8.23 -1.91 -14.97
N THR A 75 -6.92 -1.99 -14.76
CA THR A 75 -6.00 -1.81 -15.87
C THR A 75 -4.61 -2.45 -15.77
N THR A 76 -4.31 -3.31 -16.73
CA THR A 76 -2.96 -3.51 -17.17
C THR A 76 -3.00 -3.11 -18.65
N TYR A 77 -2.06 -2.28 -19.09
CA TYR A 77 -2.19 -1.69 -20.43
C TYR A 77 -0.96 -1.84 -21.34
N PRO A 78 -0.55 -3.10 -21.63
CA PRO A 78 0.57 -3.37 -22.53
C PRO A 78 0.43 -2.74 -23.93
N ALA A 79 -0.81 -2.51 -24.39
CA ALA A 79 -1.02 -1.81 -25.66
C ALA A 79 -1.10 -0.30 -25.48
N THR A 80 -0.58 0.21 -24.37
CA THR A 80 -0.60 1.67 -24.15
C THR A 80 0.00 2.41 -25.35
N GLY A 81 -0.68 3.49 -25.77
CA GLY A 81 -0.16 4.34 -26.84
C GLY A 81 -0.45 3.86 -28.26
N THR A 82 -1.21 2.78 -28.38
CA THR A 82 -1.65 2.31 -29.68
C THR A 82 -3.02 2.92 -29.96
N THR A 83 -3.62 2.56 -31.09
CA THR A 83 -4.90 3.13 -31.46
C THR A 83 -6.02 2.49 -30.66
N THR A 84 -5.69 1.46 -29.88
CA THR A 84 -6.67 0.79 -29.07
C THR A 84 -7.33 1.77 -28.10
N ARG A 85 -8.55 1.46 -27.70
CA ARG A 85 -9.28 2.30 -26.78
C ARG A 85 -9.97 1.43 -25.74
N SER A 86 -10.18 1.99 -24.56
CA SER A 86 -10.76 1.25 -23.45
C SER A 86 -12.18 0.90 -23.76
N VAL A 87 -12.71 -0.06 -23.02
CA VAL A 87 -14.12 -0.39 -23.04
C VAL A 87 -14.67 -0.01 -21.66
N ALA A 88 -15.87 0.57 -21.65
CA ALA A 88 -16.56 0.84 -20.41
C ALA A 88 -17.86 0.05 -20.46
N VAL A 89 -18.12 -0.78 -19.46
CA VAL A 89 -19.30 -1.63 -19.50
C VAL A 89 -20.07 -1.60 -18.20
N ARG A 90 -21.40 -1.57 -18.29
CA ARG A 90 -22.26 -1.69 -17.13
C ARG A 90 -22.64 -3.15 -16.94
N ILE A 91 -22.24 -3.75 -15.83
CA ILE A 91 -22.54 -5.18 -15.65
C ILE A 91 -23.99 -5.42 -15.31
N LYS A 92 -24.43 -6.67 -15.40
CA LYS A 92 -25.82 -6.98 -15.15
C LYS A 92 -26.05 -7.39 -13.70
N GLN A 93 -25.65 -8.61 -13.35
CA GLN A 93 -25.84 -9.15 -12.01
C GLN A 93 -24.59 -8.99 -11.15
N ALA A 94 -24.77 -8.48 -9.95
CA ALA A 94 -23.79 -8.62 -8.88
C ALA A 94 -24.10 -10.00 -8.31
N ALA A 95 -23.29 -10.96 -8.67
CA ALA A 95 -23.66 -12.34 -8.41
C ALA A 95 -23.94 -12.58 -6.92
N LYS A 96 -24.22 -13.82 -6.55
CA LYS A 96 -23.91 -14.26 -5.19
C LYS A 96 -22.61 -15.06 -5.33
N GLY A 97 -21.71 -14.97 -4.35
CA GLY A 97 -20.46 -15.73 -4.41
C GLY A 97 -20.06 -16.51 -3.17
N GLY A 98 -18.76 -16.73 -3.01
CA GLY A 98 -18.23 -17.43 -1.85
C GLY A 98 -17.86 -18.87 -2.17
N ALA A 99 -17.74 -19.69 -1.13
CA ALA A 99 -17.51 -21.12 -1.32
C ALA A 99 -18.86 -21.81 -1.33
N ARG A 100 -19.92 -21.01 -1.38
CA ARG A 100 -21.29 -21.52 -1.42
C ARG A 100 -22.27 -20.51 -2.04
N GLY A 101 -21.83 -19.26 -2.18
CA GLY A 101 -22.60 -18.24 -2.88
C GLY A 101 -23.58 -17.46 -2.02
N GLN A 102 -23.71 -16.15 -2.27
CA GLN A 102 -24.57 -15.32 -1.43
C GLN A 102 -24.33 -13.82 -1.64
N TRP A 103 -25.16 -13.01 -1.01
CA TRP A 103 -24.86 -11.59 -0.90
C TRP A 103 -23.91 -11.41 0.27
N ALA A 104 -23.04 -10.43 0.16
CA ALA A 104 -22.01 -10.18 1.17
C ALA A 104 -22.55 -9.26 2.26
N GLY A 105 -21.94 -9.30 3.44
CA GLY A 105 -22.39 -8.45 4.55
C GLY A 105 -23.03 -9.16 5.72
N SER A 106 -23.43 -8.36 6.71
CA SER A 106 -24.07 -8.82 7.91
C SER A 106 -25.48 -9.33 7.57
N GLY A 107 -26.10 -10.02 8.52
CA GLY A 107 -27.42 -10.62 8.31
C GLY A 107 -27.39 -11.54 7.09
N ALA A 108 -28.43 -11.43 6.26
CA ALA A 108 -28.52 -12.20 5.01
C ALA A 108 -27.73 -11.56 3.85
N GLY A 109 -26.86 -10.59 4.16
CA GLY A 109 -26.06 -9.95 3.13
C GLY A 109 -26.72 -8.74 2.49
N PHE A 110 -25.98 -8.02 1.66
CA PHE A 110 -26.55 -6.83 1.02
C PHE A 110 -26.86 -7.11 -0.45
N GLU A 111 -28.14 -7.20 -0.77
CA GLU A 111 -28.58 -7.45 -2.12
C GLU A 111 -28.29 -6.26 -3.03
N ARG A 112 -27.64 -6.50 -4.15
CA ARG A 112 -27.35 -5.41 -5.08
C ARG A 112 -28.25 -5.44 -6.30
N ALA A 113 -28.87 -4.30 -6.59
CA ALA A 113 -29.72 -4.18 -7.77
C ALA A 113 -28.88 -4.47 -9.02
N GLU A 114 -29.53 -4.93 -10.08
CA GLU A 114 -28.85 -5.21 -11.35
C GLU A 114 -28.46 -3.93 -12.06
N GLY A 115 -27.41 -3.97 -12.88
CA GLY A 115 -26.91 -2.78 -13.57
C GLY A 115 -26.34 -1.70 -12.66
N SER A 116 -25.73 -2.08 -11.55
CA SER A 116 -25.34 -1.07 -10.55
C SER A 116 -23.86 -0.74 -10.54
N TYR A 117 -23.08 -1.41 -11.40
CA TYR A 117 -21.64 -1.23 -11.38
C TYR A 117 -21.12 -1.08 -12.80
N ILE A 118 -20.11 -0.23 -12.94
CA ILE A 118 -19.43 -0.06 -14.22
C ILE A 118 -17.96 -0.43 -14.06
N TYR A 119 -17.45 -1.17 -15.03
CA TYR A 119 -16.02 -1.38 -15.15
C TYR A 119 -15.53 -0.60 -16.34
N ILE A 120 -14.35 0.00 -16.22
CA ILE A 120 -13.69 0.56 -17.37
C ILE A 120 -12.30 -0.05 -17.38
N ALA A 121 -11.86 -0.50 -18.56
CA ALA A 121 -10.61 -1.21 -18.65
C ALA A 121 -10.12 -1.14 -20.09
N PRO A 122 -8.84 -1.40 -20.29
CA PRO A 122 -8.35 -1.63 -21.64
C PRO A 122 -9.20 -2.74 -22.28
N ASN A 123 -9.38 -2.69 -23.58
CA ASN A 123 -10.09 -3.76 -24.26
C ASN A 123 -9.10 -4.82 -24.72
N ASN A 124 -8.52 -5.52 -23.74
CA ASN A 124 -7.51 -6.55 -23.98
C ASN A 124 -7.88 -7.88 -23.30
N GLY A 125 -9.13 -7.99 -22.89
CA GLY A 125 -9.63 -9.24 -22.28
C GLY A 125 -9.63 -9.21 -20.76
N LEU A 126 -9.16 -8.12 -20.17
CA LEU A 126 -9.03 -8.05 -18.73
C LEU A 126 -10.37 -8.35 -18.05
N LEU A 127 -11.46 -7.94 -18.72
CA LEU A 127 -12.82 -8.07 -18.19
C LEU A 127 -13.51 -9.38 -18.53
N THR A 128 -12.76 -10.36 -19.03
CA THR A 128 -13.35 -11.61 -19.51
C THR A 128 -14.23 -12.31 -18.48
N THR A 129 -13.72 -12.50 -17.27
CA THR A 129 -14.46 -13.23 -16.25
C THR A 129 -15.55 -12.36 -15.58
N VAL A 130 -15.32 -11.06 -15.54
CA VAL A 130 -16.36 -10.13 -15.11
C VAL A 130 -17.61 -10.31 -15.95
N LEU A 131 -17.45 -10.31 -17.27
CA LEU A 131 -18.58 -10.38 -18.17
C LEU A 131 -19.18 -11.77 -18.14
N GLU A 132 -18.31 -12.78 -18.06
CA GLU A 132 -18.76 -14.16 -17.98
C GLU A 132 -19.63 -14.41 -16.74
N GLU A 133 -19.16 -13.93 -15.59
CA GLU A 133 -19.85 -14.17 -14.33
C GLU A 133 -21.02 -13.21 -14.07
N HIS A 134 -20.90 -11.97 -14.54
CA HIS A 134 -21.91 -10.94 -14.25
C HIS A 134 -22.85 -10.59 -15.38
N GLY A 135 -22.47 -10.90 -16.61
CA GLY A 135 -23.21 -10.47 -17.77
C GLY A 135 -23.01 -8.97 -17.87
N TYR A 136 -23.61 -8.34 -18.88
CA TYR A 136 -23.53 -6.89 -18.97
C TYR A 136 -24.71 -6.36 -19.73
N LEU A 137 -25.04 -5.11 -19.47
CA LEU A 137 -26.24 -4.51 -20.02
C LEU A 137 -25.91 -3.62 -21.23
N GLU A 138 -24.70 -3.08 -21.23
CA GLU A 138 -24.29 -2.19 -22.29
C GLU A 138 -22.78 -1.97 -22.24
N ALA A 139 -22.17 -1.70 -23.38
CA ALA A 139 -20.73 -1.56 -23.47
C ALA A 139 -20.41 -0.50 -24.51
N TYR A 140 -19.43 0.33 -24.22
CA TYR A 140 -19.08 1.47 -25.07
C TYR A 140 -17.57 1.57 -25.21
N GLU A 141 -17.12 1.99 -26.37
CA GLU A 141 -15.73 2.33 -26.57
C GLU A 141 -15.50 3.71 -25.97
N VAL A 142 -14.41 3.87 -25.25
CA VAL A 142 -14.10 5.12 -24.58
C VAL A 142 -13.20 5.99 -25.48
N THR A 143 -13.83 6.96 -26.12
CA THR A 143 -13.15 7.76 -27.16
C THR A 143 -13.39 9.27 -27.06
N SER A 144 -14.40 9.68 -26.31
CA SER A 144 -14.76 11.10 -26.26
C SER A 144 -13.70 11.93 -25.55
N PRO A 145 -13.32 13.08 -26.14
CA PRO A 145 -12.37 14.04 -25.55
C PRO A 145 -12.97 14.69 -24.30
N LYS A 146 -14.26 14.46 -24.06
CA LYS A 146 -14.88 14.89 -22.83
C LYS A 146 -14.43 14.03 -21.65
N VAL A 147 -14.01 12.79 -21.93
CA VAL A 147 -13.60 11.87 -20.87
C VAL A 147 -12.16 11.33 -20.94
N ILE A 148 -11.45 11.60 -22.03
CA ILE A 148 -10.02 11.25 -22.15
C ILE A 148 -9.23 12.41 -22.73
N PRO A 149 -7.91 12.41 -22.51
CA PRO A 149 -7.10 13.51 -23.01
C PRO A 149 -7.15 13.60 -24.52
N GLU A 150 -7.16 14.82 -25.05
CA GLU A 150 -7.03 15.05 -26.49
C GLU A 150 -5.70 14.57 -27.03
N GLN A 151 -4.67 14.67 -26.21
CA GLN A 151 -3.34 14.19 -26.53
C GLN A 151 -2.91 13.31 -25.37
N PRO A 152 -3.33 12.04 -25.40
CA PRO A 152 -2.96 11.16 -24.29
C PRO A 152 -1.46 10.83 -24.28
N GLU A 153 -0.90 10.71 -23.09
CA GLU A 153 0.50 10.28 -22.95
C GLU A 153 0.63 8.85 -23.46
N PRO A 154 1.52 8.62 -24.46
CA PRO A 154 1.63 7.32 -25.12
C PRO A 154 1.89 6.17 -24.15
N THR A 155 2.81 6.37 -23.21
CA THR A 155 3.16 5.28 -22.31
C THR A 155 2.32 5.22 -21.04
N PHE A 156 1.26 6.04 -20.93
CA PHE A 156 0.47 6.03 -19.68
C PHE A 156 -1.05 5.92 -19.87
N TYR A 157 -1.48 4.98 -20.70
CA TYR A 157 -2.91 4.80 -20.97
C TYR A 157 -3.69 4.35 -19.74
N SER A 158 -3.03 3.69 -18.79
CA SER A 158 -3.72 3.37 -17.54
C SER A 158 -4.22 4.63 -16.85
N ARG A 159 -3.49 5.73 -17.01
CA ARG A 159 -3.94 7.03 -16.49
C ARG A 159 -4.94 7.68 -17.48
N GLU A 160 -4.54 7.72 -18.75
CA GLU A 160 -5.25 8.51 -19.76
C GLU A 160 -6.58 7.90 -20.13
N MET A 161 -6.62 6.56 -20.19
CA MET A 161 -7.75 5.86 -20.79
C MET A 161 -8.53 5.03 -19.79
N VAL A 162 -8.15 5.12 -18.53
CA VAL A 162 -8.85 4.40 -17.47
C VAL A 162 -9.12 5.29 -16.27
N ALA A 163 -8.06 5.77 -15.60
CA ALA A 163 -8.21 6.56 -14.39
C ALA A 163 -9.08 7.79 -14.65
N ILE A 164 -8.65 8.58 -15.62
CA ILE A 164 -9.36 9.79 -16.04
C ILE A 164 -10.82 9.56 -16.43
N PRO A 165 -11.08 8.71 -17.44
CA PRO A 165 -12.51 8.43 -17.75
C PRO A 165 -13.32 7.83 -16.60
N SER A 166 -12.67 7.02 -15.76
CA SER A 166 -13.36 6.46 -14.60
C SER A 166 -13.85 7.53 -13.63
N ALA A 167 -13.09 8.62 -13.53
CA ALA A 167 -13.44 9.73 -12.65
C ALA A 167 -14.63 10.47 -13.25
N HIS A 168 -14.63 10.65 -14.56
CA HIS A 168 -15.79 11.26 -15.21
C HIS A 168 -17.05 10.44 -15.00
N LEU A 169 -16.93 9.13 -15.12
CA LEU A 169 -18.09 8.25 -14.84
C LEU A 169 -18.56 8.44 -13.39
N ALA A 170 -17.62 8.42 -12.46
CA ALA A 170 -17.94 8.59 -11.05
C ALA A 170 -18.57 9.95 -10.84
N ALA A 171 -18.12 10.92 -11.62
CA ALA A 171 -18.62 12.30 -11.57
C ALA A 171 -19.99 12.44 -12.25
N GLY A 172 -20.48 11.36 -12.85
CA GLY A 172 -21.86 11.37 -13.37
C GLY A 172 -22.00 11.54 -14.88
N PHE A 173 -20.88 11.56 -15.58
CA PHE A 173 -20.90 11.64 -17.04
C PHE A 173 -21.64 10.41 -17.56
N PRO A 174 -22.66 10.61 -18.42
CA PRO A 174 -23.42 9.50 -18.99
C PRO A 174 -22.56 8.45 -19.67
N LEU A 175 -22.72 7.21 -19.24
CA LEU A 175 -21.91 6.12 -19.79
C LEU A 175 -22.00 6.02 -21.32
N SER A 176 -23.22 6.16 -21.83
CA SER A 176 -23.46 6.04 -23.27
C SER A 176 -22.83 7.19 -24.06
N GLU A 177 -22.34 8.21 -23.36
CA GLU A 177 -21.72 9.35 -24.03
C GLU A 177 -20.20 9.17 -24.21
N VAL A 178 -19.63 8.06 -23.72
CA VAL A 178 -18.17 7.92 -23.75
C VAL A 178 -17.63 7.65 -25.15
N GLY A 179 -18.49 7.13 -26.01
CA GLY A 179 -18.08 6.64 -27.32
C GLY A 179 -19.16 5.71 -27.84
N ARG A 180 -18.89 5.04 -28.95
CA ARG A 180 -19.90 4.21 -29.59
C ARG A 180 -20.13 2.92 -28.82
N PRO A 181 -21.31 2.32 -29.02
CA PRO A 181 -21.58 1.02 -28.41
C PRO A 181 -20.66 0.00 -29.05
N LEU A 182 -20.22 -0.98 -28.27
CA LEU A 182 -19.45 -2.09 -28.78
C LEU A 182 -20.32 -3.34 -28.90
N GLU A 183 -20.26 -4.00 -30.04
CA GLU A 183 -20.90 -5.30 -30.20
C GLU A 183 -20.10 -6.35 -29.43
N ASP A 184 -20.75 -7.45 -29.07
CA ASP A 184 -20.14 -8.39 -28.16
C ASP A 184 -18.80 -8.91 -28.71
N HIS A 185 -18.78 -9.25 -30.00
CA HIS A 185 -17.56 -9.75 -30.65
C HIS A 185 -16.39 -8.76 -30.65
N GLU A 186 -16.67 -7.47 -30.42
CA GLU A 186 -15.61 -6.45 -30.36
C GLU A 186 -14.99 -6.33 -28.97
N ILE A 187 -15.56 -7.05 -28.00
CA ILE A 187 -14.96 -7.09 -26.66
C ILE A 187 -14.00 -8.27 -26.58
N VAL A 188 -12.72 -7.98 -26.45
CA VAL A 188 -11.68 -9.00 -26.41
C VAL A 188 -11.83 -9.87 -25.17
N ARG A 189 -11.70 -11.17 -25.38
CA ARG A 189 -11.79 -12.16 -24.32
C ARG A 189 -10.54 -13.01 -24.33
N PHE A 190 -10.07 -13.41 -23.15
CA PHE A 190 -9.08 -14.50 -23.09
C PHE A 190 -9.74 -15.87 -23.01
N ASN A 191 -8.96 -16.88 -23.39
CA ASN A 191 -9.42 -18.26 -23.34
C ASN A 191 -9.33 -18.80 -21.92
N ARG A 192 -10.42 -19.38 -21.43
CA ARG A 192 -10.42 -19.98 -20.11
C ARG A 192 -10.29 -21.50 -20.18
N PRO A 193 -9.09 -22.00 -19.92
CA PRO A 193 -8.83 -23.43 -19.87
C PRO A 193 -9.84 -24.15 -18.96
N ALA A 194 -10.55 -25.11 -19.52
CA ALA A 194 -11.56 -25.85 -18.77
C ALA A 194 -10.93 -26.91 -17.87
N VAL A 195 -11.62 -27.20 -16.77
CA VAL A 195 -11.25 -28.29 -15.87
C VAL A 195 -11.64 -29.59 -16.56
N GLU A 196 -10.67 -30.50 -16.70
CA GLU A 196 -10.89 -31.74 -17.45
C GLU A 196 -11.16 -32.92 -16.52
N GLN A 197 -11.67 -34.00 -17.09
CA GLN A 197 -11.86 -35.22 -16.32
C GLN A 197 -10.97 -36.32 -16.86
N ASP A 198 -10.31 -37.02 -15.96
CA ASP A 198 -9.45 -38.13 -16.35
C ASP A 198 -9.80 -39.35 -15.50
N GLY A 199 -10.71 -40.18 -16.00
CA GLY A 199 -11.32 -41.24 -15.20
C GLY A 199 -12.28 -40.58 -14.22
N GLU A 200 -12.04 -40.78 -12.92
CA GLU A 200 -12.85 -40.11 -11.90
C GLU A 200 -12.22 -38.82 -11.39
N ALA A 201 -10.96 -38.58 -11.74
CA ALA A 201 -10.23 -37.39 -11.28
C ALA A 201 -10.60 -36.13 -12.05
N LEU A 202 -10.33 -34.99 -11.42
CA LEU A 202 -10.51 -33.71 -12.07
C LEU A 202 -9.14 -33.06 -12.23
N VAL A 203 -8.79 -32.71 -13.46
CA VAL A 203 -7.52 -32.08 -13.72
C VAL A 203 -7.72 -30.61 -14.00
N GLY A 204 -7.07 -29.79 -13.18
CA GLY A 204 -7.02 -28.36 -13.38
C GLY A 204 -5.59 -27.92 -13.19
N VAL A 205 -5.42 -26.69 -12.72
CA VAL A 205 -4.11 -26.12 -12.53
C VAL A 205 -4.12 -25.35 -11.21
N VAL A 206 -2.95 -25.07 -10.66
CA VAL A 206 -2.86 -24.14 -9.58
C VAL A 206 -3.08 -22.77 -10.20
N SER A 207 -4.16 -22.10 -9.80
CA SER A 207 -4.54 -20.85 -10.41
C SER A 207 -3.77 -19.70 -9.78
N ALA A 208 -3.46 -19.84 -8.49
CA ALA A 208 -2.76 -18.77 -7.77
C ALA A 208 -2.13 -19.30 -6.49
N ILE A 209 -0.96 -18.75 -6.14
CA ILE A 209 -0.47 -18.92 -4.77
C ILE A 209 -1.09 -17.79 -3.96
N ASP A 210 -1.76 -18.14 -2.87
CA ASP A 210 -2.48 -17.15 -2.11
C ASP A 210 -1.55 -16.44 -1.14
N HIS A 211 -0.99 -15.32 -1.57
CA HIS A 211 -0.08 -14.53 -0.72
C HIS A 211 -0.94 -13.74 0.26
N PRO A 212 -0.44 -13.51 1.48
CA PRO A 212 0.87 -13.83 2.04
C PRO A 212 0.93 -15.17 2.79
N PHE A 213 -0.09 -15.99 2.63
CA PHE A 213 -0.16 -17.21 3.43
C PHE A 213 0.55 -18.42 2.79
N GLY A 214 0.71 -18.37 1.48
CA GLY A 214 1.24 -19.54 0.77
C GLY A 214 0.20 -20.65 0.67
N ASN A 215 -1.08 -20.29 0.67
CA ASN A 215 -2.13 -21.27 0.38
C ASN A 215 -2.14 -21.54 -1.11
N VAL A 216 -2.61 -22.72 -1.51
CA VAL A 216 -2.61 -23.07 -2.92
C VAL A 216 -4.04 -23.12 -3.47
N TRP A 217 -4.34 -22.23 -4.41
CA TRP A 217 -5.66 -22.19 -5.03
C TRP A 217 -5.65 -22.90 -6.40
N THR A 218 -6.66 -23.72 -6.66
CA THR A 218 -6.80 -24.32 -7.99
C THR A 218 -7.95 -23.66 -8.75
N ASN A 219 -8.05 -24.00 -10.02
CA ASN A 219 -9.18 -23.56 -10.82
C ASN A 219 -10.29 -24.63 -10.86
N ILE A 220 -10.24 -25.58 -9.94
CA ILE A 220 -11.29 -26.59 -9.81
C ILE A 220 -12.33 -26.04 -8.84
N HIS A 221 -13.58 -25.85 -9.30
CA HIS A 221 -14.58 -25.08 -8.55
C HIS A 221 -15.52 -25.96 -7.71
N ARG A 222 -16.19 -25.35 -6.73
CA ARG A 222 -17.17 -26.10 -5.92
C ARG A 222 -18.17 -26.82 -6.80
N THR A 223 -18.62 -26.15 -7.86
CA THR A 223 -19.58 -26.77 -8.77
C THR A 223 -18.97 -27.96 -9.50
N ASP A 224 -17.67 -27.90 -9.80
CA ASP A 224 -16.97 -29.01 -10.45
C ASP A 224 -16.93 -30.19 -9.50
N LEU A 225 -16.74 -29.88 -8.23
CA LEU A 225 -16.69 -30.91 -7.19
C LEU A 225 -18.04 -31.56 -6.98
N GLU A 226 -19.09 -30.74 -6.85
CA GLU A 226 -20.43 -31.24 -6.56
C GLU A 226 -21.04 -31.92 -7.79
N LYS A 227 -20.48 -31.63 -8.96
CA LYS A 227 -20.78 -32.37 -10.18
C LYS A 227 -20.26 -33.81 -10.07
N ALA A 228 -19.32 -34.01 -9.15
CA ALA A 228 -18.66 -35.31 -9.02
C ALA A 228 -19.04 -36.00 -7.72
N GLY A 229 -20.03 -35.43 -7.02
CA GLY A 229 -20.51 -36.00 -5.77
C GLY A 229 -19.50 -35.82 -4.63
N ILE A 230 -18.74 -34.73 -4.70
CA ILE A 230 -17.75 -34.43 -3.67
C ILE A 230 -18.16 -33.23 -2.82
N GLY A 231 -18.25 -33.45 -1.50
CA GLY A 231 -18.66 -32.40 -0.57
C GLY A 231 -17.90 -32.53 0.74
N TYR A 232 -18.06 -31.56 1.63
CA TYR A 232 -17.33 -31.56 2.90
C TYR A 232 -17.33 -32.93 3.56
N GLY A 233 -16.13 -33.46 3.80
CA GLY A 233 -15.98 -34.72 4.52
C GLY A 233 -15.46 -35.86 3.67
N ALA A 234 -15.23 -35.57 2.39
CA ALA A 234 -14.80 -36.59 1.44
C ALA A 234 -13.27 -36.69 1.41
N ARG A 235 -12.77 -37.93 1.48
CA ARG A 235 -11.33 -38.18 1.47
C ARG A 235 -10.75 -37.99 0.06
N LEU A 236 -9.94 -36.97 -0.10
CA LEU A 236 -9.46 -36.62 -1.43
C LEU A 236 -7.98 -36.80 -1.56
N ARG A 237 -7.55 -37.18 -2.75
CA ARG A 237 -6.15 -37.12 -3.13
C ARG A 237 -5.95 -36.04 -4.18
N LEU A 238 -5.05 -35.11 -3.88
CA LEU A 238 -4.79 -33.96 -4.73
C LEU A 238 -3.31 -33.97 -5.04
N THR A 239 -2.96 -34.15 -6.32
CA THR A 239 -1.56 -34.10 -6.74
C THR A 239 -1.23 -32.79 -7.44
N LEU A 240 -0.06 -32.25 -7.12
CA LEU A 240 0.41 -31.00 -7.70
C LEU A 240 1.71 -31.24 -8.47
N ASP A 241 1.92 -30.46 -9.53
CA ASP A 241 3.14 -30.60 -10.33
C ASP A 241 3.29 -32.06 -10.74
N GLY A 242 2.18 -32.79 -10.72
CA GLY A 242 2.14 -34.16 -11.17
C GLY A 242 2.86 -35.13 -10.25
N VAL A 243 3.64 -34.60 -9.30
CA VAL A 243 4.41 -35.47 -8.39
C VAL A 243 4.23 -35.24 -6.88
N LEU A 244 4.19 -33.99 -6.44
CA LEU A 244 3.92 -33.71 -5.02
C LEU A 244 2.47 -34.03 -4.69
N PRO A 245 2.20 -35.18 -4.07
CA PRO A 245 0.80 -35.49 -3.79
C PRO A 245 0.41 -35.11 -2.35
N PHE A 246 -0.91 -35.06 -2.09
CA PHE A 246 -1.46 -34.71 -0.77
C PHE A 246 -2.77 -35.42 -0.50
N GLU A 247 -3.02 -35.82 0.75
CA GLU A 247 -4.27 -36.50 1.11
C GLU A 247 -4.94 -35.90 2.35
N ALA A 248 -6.24 -35.64 2.25
CA ALA A 248 -7.02 -35.06 3.33
C ALA A 248 -8.51 -35.06 2.99
N PRO A 249 -9.37 -35.04 4.00
CA PRO A 249 -10.77 -34.80 3.70
C PRO A 249 -11.00 -33.33 3.29
N LEU A 250 -12.01 -33.11 2.47
CA LEU A 250 -12.45 -31.76 2.17
C LEU A 250 -13.13 -31.17 3.42
N THR A 251 -12.59 -30.07 3.92
CA THR A 251 -13.12 -29.46 5.14
C THR A 251 -13.45 -28.00 4.87
N PRO A 252 -14.37 -27.42 5.64
CA PRO A 252 -14.72 -26.02 5.44
C PRO A 252 -13.53 -25.06 5.62
N THR A 253 -12.63 -25.35 6.57
CA THR A 253 -11.62 -24.36 6.92
C THR A 253 -10.28 -24.95 7.38
N PHE A 254 -9.30 -24.08 7.62
CA PHE A 254 -7.93 -24.51 7.97
C PHE A 254 -7.84 -25.33 9.26
N ALA A 255 -8.42 -24.82 10.34
CA ALA A 255 -8.27 -25.47 11.65
C ALA A 255 -8.85 -26.89 11.73
N ASP A 256 -9.68 -27.25 10.76
CA ASP A 256 -10.24 -28.62 10.72
C ASP A 256 -9.15 -29.65 10.48
N ALA A 257 -7.96 -29.19 10.14
CA ALA A 257 -6.87 -30.09 9.85
C ALA A 257 -6.27 -30.63 11.15
N GLY A 258 -6.66 -30.03 12.28
CA GLY A 258 -6.13 -30.42 13.57
C GLY A 258 -4.90 -29.60 13.95
N GLU A 259 -3.77 -30.28 14.11
CA GLU A 259 -2.55 -29.61 14.57
C GLU A 259 -2.05 -28.59 13.57
N ILE A 260 -1.41 -27.55 14.09
CA ILE A 260 -0.77 -26.56 13.25
C ILE A 260 0.22 -27.24 12.31
N GLY A 261 0.14 -26.93 11.03
CA GLY A 261 1.05 -27.48 10.03
C GLY A 261 0.42 -28.61 9.22
N ASN A 262 -0.63 -29.20 9.77
CA ASN A 262 -1.34 -30.26 9.08
C ASN A 262 -1.99 -29.77 7.78
N ILE A 263 -2.03 -30.65 6.79
CA ILE A 263 -2.65 -30.33 5.51
C ILE A 263 -4.17 -30.14 5.62
N ALA A 264 -4.67 -29.07 5.03
CA ALA A 264 -6.12 -28.85 4.89
C ALA A 264 -6.47 -28.75 3.41
N ILE A 265 -7.47 -29.50 2.98
CA ILE A 265 -8.03 -29.34 1.66
C ILE A 265 -9.45 -28.81 1.87
N TYR A 266 -9.75 -27.70 1.21
CA TYR A 266 -10.90 -26.89 1.54
C TYR A 266 -11.38 -26.11 0.33
N LEU A 267 -12.52 -25.44 0.48
CA LEU A 267 -12.96 -24.51 -0.56
C LEU A 267 -12.68 -23.10 -0.07
N ASN A 268 -12.00 -22.32 -0.91
CA ASN A 268 -11.58 -20.97 -0.52
C ASN A 268 -12.75 -19.98 -0.64
N SER A 269 -12.55 -18.73 -0.23
CA SER A 269 -13.66 -17.79 -0.16
C SER A 269 -14.22 -17.45 -1.54
N ARG A 270 -13.58 -17.96 -2.59
CA ARG A 270 -14.08 -17.75 -3.94
C ARG A 270 -14.70 -19.01 -4.50
N GLY A 271 -14.88 -20.02 -3.65
CA GLY A 271 -15.50 -21.27 -4.03
C GLY A 271 -14.61 -22.26 -4.77
N TYR A 272 -13.30 -22.10 -4.70
CA TYR A 272 -12.40 -23.02 -5.41
C TYR A 272 -11.69 -24.03 -4.50
N LEU A 273 -11.60 -25.26 -4.98
CA LEU A 273 -10.79 -26.28 -4.31
C LEU A 273 -9.37 -25.74 -4.07
N SER A 274 -8.94 -25.76 -2.81
CA SER A 274 -7.67 -25.19 -2.42
C SER A 274 -6.97 -26.13 -1.46
N ILE A 275 -5.67 -25.93 -1.27
CA ILE A 275 -4.93 -26.73 -0.30
C ILE A 275 -3.95 -25.82 0.47
N ALA A 276 -3.83 -26.08 1.77
CA ALA A 276 -2.97 -25.32 2.64
C ALA A 276 -2.44 -26.17 3.78
N ARG A 277 -1.63 -25.56 4.62
CA ARG A 277 -1.32 -26.11 5.92
C ARG A 277 -2.04 -25.25 6.94
N ASN A 278 -2.38 -25.85 8.07
CA ASN A 278 -3.09 -25.14 9.13
C ASN A 278 -2.18 -24.19 9.87
N ALA A 279 -2.37 -22.90 9.62
CA ALA A 279 -1.56 -21.83 10.19
C ALA A 279 -0.08 -22.07 9.96
N ALA A 280 0.23 -22.49 8.74
CA ALA A 280 1.59 -22.60 8.24
C ALA A 280 1.47 -22.41 6.74
N SER A 281 2.58 -22.01 6.10
CA SER A 281 2.63 -21.85 4.64
C SER A 281 2.90 -23.19 3.96
N LEU A 282 2.04 -23.54 3.00
CA LEU A 282 2.25 -24.74 2.20
C LEU A 282 3.13 -24.46 0.98
N ALA A 283 2.84 -23.38 0.27
CA ALA A 283 3.47 -23.14 -1.01
C ALA A 283 4.96 -22.83 -0.89
N TYR A 284 5.31 -21.99 0.08
CA TYR A 284 6.64 -21.39 0.12
C TYR A 284 7.80 -22.35 0.44
N PRO A 285 7.66 -23.18 1.49
CA PRO A 285 8.73 -24.15 1.78
C PRO A 285 9.03 -25.06 0.59
N TYR A 286 8.01 -25.37 -0.21
CA TYR A 286 8.22 -26.30 -1.32
C TYR A 286 8.28 -25.62 -2.68
N HIS A 287 8.24 -24.28 -2.68
CA HIS A 287 8.28 -23.52 -3.92
C HIS A 287 7.21 -24.01 -4.91
N LEU A 288 5.99 -24.17 -4.38
CA LEU A 288 4.85 -24.47 -5.24
C LEU A 288 4.50 -23.20 -5.98
N LYS A 289 3.95 -23.32 -7.19
CA LYS A 289 3.71 -22.16 -8.03
C LYS A 289 2.45 -22.25 -8.86
N GLU A 290 1.91 -21.09 -9.18
CA GLU A 290 0.82 -20.97 -10.13
C GLU A 290 1.25 -21.60 -11.46
N GLY A 291 0.35 -22.33 -12.10
CA GLY A 291 0.66 -22.96 -13.36
C GLY A 291 0.93 -24.44 -13.21
N MET A 292 1.20 -24.87 -11.99
CA MET A 292 1.39 -26.28 -11.72
C MET A 292 0.11 -27.05 -11.92
N SER A 293 0.23 -28.21 -12.55
CA SER A 293 -0.89 -29.09 -12.71
C SER A 293 -1.45 -29.42 -11.33
N ALA A 294 -2.76 -29.59 -11.24
CA ALA A 294 -3.42 -29.96 -10.00
C ALA A 294 -4.51 -30.98 -10.33
N ARG A 295 -4.46 -32.14 -9.69
CA ARG A 295 -5.48 -33.17 -9.92
C ARG A 295 -6.10 -33.67 -8.63
N VAL A 296 -7.41 -33.79 -8.60
CA VAL A 296 -8.11 -34.31 -7.44
C VAL A 296 -8.99 -35.49 -7.80
N GLU A 297 -9.42 -36.22 -6.78
CA GLU A 297 -10.22 -37.43 -6.96
C GLU A 297 -10.57 -38.03 -5.61
N ALA A 298 -11.83 -38.39 -5.43
CA ALA A 298 -12.29 -38.98 -4.17
C ALA A 298 -12.02 -40.49 -4.12
N ARG B 8 -12.49 20.93 0.87
CA ARG B 8 -12.08 19.51 0.62
C ARG B 8 -10.56 19.42 0.44
N PRO B 9 -9.79 19.77 1.49
CA PRO B 9 -8.34 19.86 1.46
C PRO B 9 -7.67 18.51 1.25
N ILE B 10 -6.54 18.51 0.56
CA ILE B 10 -5.80 17.27 0.27
C ILE B 10 -4.36 17.39 0.74
N ILE B 11 -3.88 16.32 1.38
CA ILE B 11 -2.47 16.16 1.64
C ILE B 11 -2.03 14.93 0.84
N ALA B 12 -1.03 15.12 -0.03
CA ALA B 12 -0.42 14.02 -0.74
C ALA B 12 0.89 13.77 -0.03
N PHE B 13 1.10 12.51 0.39
CA PHE B 13 2.07 12.15 1.42
C PHE B 13 3.10 11.16 0.86
N MET B 14 4.36 11.58 0.83
CA MET B 14 5.45 10.76 0.32
C MET B 14 6.47 10.68 1.45
N SER B 15 6.79 9.47 1.88
CA SER B 15 7.77 9.30 2.95
C SER B 15 8.66 8.10 2.71
N ASP B 16 9.63 7.92 3.59
CA ASP B 16 10.47 6.72 3.62
C ASP B 16 10.09 5.78 4.75
N LEU B 17 8.85 5.90 5.26
CA LEU B 17 8.42 5.18 6.45
C LEU B 17 8.05 3.71 6.20
N GLY B 18 7.97 3.31 4.92
CA GLY B 18 7.50 1.97 4.56
C GLY B 18 6.02 1.74 4.86
N THR B 19 5.55 0.55 4.54
CA THR B 19 4.15 0.21 4.75
C THR B 19 4.05 -1.05 5.61
N THR B 20 5.06 -1.29 6.44
CA THR B 20 5.06 -2.53 7.21
C THR B 20 4.74 -2.36 8.70
N ASP B 21 4.64 -1.12 9.16
CA ASP B 21 4.31 -0.89 10.54
C ASP B 21 3.26 0.22 10.64
N ASP B 22 3.09 0.81 11.81
CA ASP B 22 2.03 1.78 12.01
C ASP B 22 2.51 3.21 11.84
N SER B 23 3.75 3.40 11.38
CA SER B 23 4.30 4.74 11.24
C SER B 23 3.47 5.67 10.34
N VAL B 24 3.11 5.22 9.14
CA VAL B 24 2.32 6.06 8.25
C VAL B 24 0.95 6.33 8.86
N ALA B 25 0.34 5.31 9.46
CA ALA B 25 -0.96 5.45 10.13
C ALA B 25 -0.98 6.49 11.26
N GLN B 26 0.09 6.53 12.05
CA GLN B 26 0.24 7.55 13.10
C GLN B 26 0.19 8.97 12.53
N CYS B 27 0.94 9.19 11.46
CA CYS B 27 0.92 10.45 10.73
C CYS B 27 -0.48 10.80 10.21
N LYS B 28 -1.13 9.83 9.57
CA LYS B 28 -2.49 10.02 9.05
C LYS B 28 -3.50 10.31 10.15
N GLY B 29 -3.45 9.54 11.24
CA GLY B 29 -4.31 9.83 12.39
C GLY B 29 -4.19 11.27 12.82
N LEU B 30 -2.95 11.76 12.92
CA LEU B 30 -2.72 13.14 13.28
C LEU B 30 -3.22 14.12 12.22
N MET B 31 -3.09 13.75 10.95
CA MET B 31 -3.60 14.60 9.87
C MET B 31 -5.12 14.79 9.97
N TYR B 32 -5.85 13.70 10.22
CA TYR B 32 -7.30 13.78 10.39
C TYR B 32 -7.73 14.47 11.68
N SER B 33 -6.93 14.29 12.72
CA SER B 33 -7.17 15.01 14.00
C SER B 33 -7.09 16.52 13.82
N ILE B 34 -6.13 16.96 13.02
CA ILE B 34 -5.88 18.41 12.86
C ILE B 34 -6.75 19.07 11.76
N CYS B 35 -7.02 18.29 10.72
CA CYS B 35 -7.76 18.75 9.56
C CYS B 35 -8.83 17.70 9.27
N PRO B 36 -9.92 17.72 10.05
CA PRO B 36 -10.94 16.67 9.94
C PRO B 36 -11.48 16.43 8.52
N ASP B 37 -11.64 17.48 7.70
CA ASP B 37 -12.18 17.29 6.34
C ASP B 37 -11.13 16.86 5.29
N VAL B 38 -9.92 16.56 5.75
CA VAL B 38 -8.81 16.28 4.85
C VAL B 38 -8.97 14.97 4.08
N THR B 39 -8.43 14.95 2.87
CA THR B 39 -8.20 13.68 2.17
C THR B 39 -6.70 13.45 2.11
N VAL B 40 -6.24 12.31 2.60
CA VAL B 40 -4.81 12.00 2.51
C VAL B 40 -4.60 11.03 1.37
N VAL B 41 -3.80 11.44 0.39
CA VAL B 41 -3.47 10.61 -0.75
C VAL B 41 -2.03 10.12 -0.62
N ASP B 42 -1.84 8.80 -0.59
CA ASP B 42 -0.51 8.28 -0.57
C ASP B 42 0.16 8.50 -1.91
N VAL B 43 1.38 9.02 -1.87
CA VAL B 43 2.20 9.01 -3.06
C VAL B 43 2.92 7.69 -3.03
N CYS B 44 3.95 7.59 -2.21
CA CYS B 44 4.54 6.29 -1.93
C CYS B 44 5.37 6.38 -0.68
N HIS B 45 5.62 5.23 -0.08
CA HIS B 45 6.30 5.17 1.19
C HIS B 45 7.50 4.24 1.15
N SER B 46 7.91 3.84 -0.06
CA SER B 46 8.86 2.73 -0.21
C SER B 46 10.23 3.17 -0.73
N MET B 47 10.43 4.48 -0.82
CA MET B 47 11.71 5.00 -1.31
C MET B 47 12.85 4.46 -0.48
N THR B 48 13.99 4.31 -1.12
CA THR B 48 15.21 4.02 -0.39
C THR B 48 15.39 5.10 0.69
N PRO B 49 15.46 4.67 1.96
CA PRO B 49 15.61 5.61 3.06
C PRO B 49 16.82 6.51 2.87
N TRP B 50 16.63 7.81 3.12
CA TRP B 50 17.72 8.80 3.11
C TRP B 50 18.24 9.12 1.71
N ASP B 51 17.62 8.51 0.69
CA ASP B 51 18.03 8.78 -0.69
C ASP B 51 17.18 9.96 -1.16
N VAL B 52 17.68 11.16 -0.91
CA VAL B 52 16.90 12.36 -1.20
C VAL B 52 16.67 12.54 -2.69
N GLU B 53 17.62 12.12 -3.51
CA GLU B 53 17.44 12.24 -4.96
C GLU B 53 16.30 11.36 -5.49
N GLU B 54 16.14 10.18 -4.90
CA GLU B 54 15.01 9.30 -5.25
C GLU B 54 13.69 9.89 -4.76
N GLY B 55 13.67 10.33 -3.50
CA GLY B 55 12.50 10.99 -2.95
C GLY B 55 12.10 12.15 -3.83
N ALA B 56 13.09 12.89 -4.33
CA ALA B 56 12.78 14.04 -5.18
C ALA B 56 12.05 13.64 -6.47
N ARG B 57 12.44 12.51 -7.05
CA ARG B 57 11.80 12.01 -8.28
C ARG B 57 10.30 11.76 -8.11
N TYR B 58 9.91 11.26 -6.94
CA TYR B 58 8.50 10.90 -6.69
C TYR B 58 7.60 12.09 -6.39
N ILE B 59 8.18 13.28 -6.22
CA ILE B 59 7.37 14.44 -5.80
C ILE B 59 7.38 15.62 -6.78
N VAL B 60 8.40 15.70 -7.63
CA VAL B 60 8.58 16.87 -8.49
C VAL B 60 7.44 17.09 -9.49
N ASP B 61 6.83 16.00 -9.94
CA ASP B 61 5.81 16.08 -10.97
C ASP B 61 4.36 16.13 -10.46
N LEU B 62 4.18 16.17 -9.14
CA LEU B 62 2.84 15.99 -8.57
C LEU B 62 1.85 17.14 -8.83
N PRO B 63 2.31 18.40 -8.71
CA PRO B 63 1.37 19.51 -8.64
C PRO B 63 0.29 19.51 -9.74
N ARG B 64 0.67 19.30 -11.00
CA ARG B 64 -0.29 19.45 -12.10
C ARG B 64 -1.43 18.41 -12.03
N PHE B 65 -1.17 17.33 -11.31
CA PHE B 65 -2.19 16.28 -11.15
C PHE B 65 -3.21 16.55 -10.05
N PHE B 66 -2.92 17.45 -9.11
CA PHE B 66 -3.79 17.65 -7.96
C PHE B 66 -4.56 18.96 -8.00
N PRO B 67 -5.73 19.00 -7.33
CA PRO B 67 -6.41 20.27 -7.21
C PRO B 67 -5.53 21.32 -6.55
N GLU B 68 -5.70 22.56 -6.97
CA GLU B 68 -5.03 23.69 -6.35
C GLU B 68 -5.35 23.77 -4.87
N GLY B 69 -4.33 24.09 -4.08
CA GLY B 69 -4.47 24.15 -2.63
C GLY B 69 -3.94 22.89 -1.99
N THR B 70 -3.59 21.91 -2.80
CA THR B 70 -3.01 20.68 -2.28
C THR B 70 -1.69 20.94 -1.58
N VAL B 71 -1.50 20.22 -0.47
CA VAL B 71 -0.28 20.31 0.31
C VAL B 71 0.46 19.01 0.16
N PHE B 72 1.73 19.12 -0.21
CA PHE B 72 2.57 17.94 -0.36
C PHE B 72 3.45 17.78 0.86
N ALA B 73 3.18 16.74 1.65
CA ALA B 73 3.99 16.42 2.82
C ALA B 73 4.98 15.36 2.36
N THR B 74 6.24 15.75 2.19
CA THR B 74 7.23 14.87 1.55
C THR B 74 8.46 14.77 2.44
N THR B 75 8.87 13.54 2.79
CA THR B 75 9.89 13.40 3.83
C THR B 75 10.70 12.10 3.89
N THR B 76 12.02 12.26 3.88
CA THR B 76 12.95 11.31 4.44
C THR B 76 13.79 12.19 5.39
N TYR B 77 13.91 11.77 6.64
CA TYR B 77 14.43 12.64 7.68
C TYR B 77 15.58 12.02 8.51
N PRO B 78 16.74 11.73 7.85
CA PRO B 78 17.86 11.15 8.61
C PRO B 78 18.37 12.07 9.73
N ALA B 79 18.08 13.37 9.66
CA ALA B 79 18.53 14.26 10.73
C ALA B 79 17.46 14.45 11.80
N THR B 80 16.51 13.51 11.88
CA THR B 80 15.47 13.55 12.92
C THR B 80 16.10 13.68 14.31
N GLY B 81 15.49 14.47 15.18
CA GLY B 81 15.99 14.63 16.54
C GLY B 81 17.12 15.64 16.73
N THR B 82 17.53 16.30 15.65
CA THR B 82 18.51 17.36 15.75
C THR B 82 17.85 18.73 15.77
N THR B 83 18.67 19.79 15.78
CA THR B 83 18.14 21.14 15.81
C THR B 83 17.56 21.57 14.48
N THR B 84 17.75 20.76 13.43
CA THR B 84 17.18 21.11 12.12
C THR B 84 15.66 21.25 12.17
N ARG B 85 15.13 22.11 11.31
CA ARG B 85 13.70 22.28 11.19
C ARG B 85 13.34 22.17 9.71
N SER B 86 12.11 21.76 9.46
CA SER B 86 11.63 21.61 8.09
C SER B 86 11.48 22.96 7.37
N VAL B 87 11.29 22.91 6.06
CA VAL B 87 10.97 24.09 5.28
C VAL B 87 9.60 23.92 4.65
N ALA B 88 8.83 25.00 4.64
CA ALA B 88 7.57 25.02 3.91
C ALA B 88 7.64 26.08 2.81
N VAL B 89 7.27 25.70 1.61
CA VAL B 89 7.44 26.59 0.47
C VAL B 89 6.15 26.63 -0.35
N ARG B 90 5.82 27.80 -0.88
CA ARG B 90 4.75 27.87 -1.87
C ARG B 90 5.39 27.92 -3.26
N ILE B 91 5.10 26.94 -4.09
CA ILE B 91 5.71 26.91 -5.43
C ILE B 91 5.08 27.95 -6.35
N LYS B 92 5.73 28.17 -7.49
CA LYS B 92 5.26 29.16 -8.44
C LYS B 92 4.50 28.49 -9.55
N GLN B 93 5.22 27.91 -10.49
CA GLN B 93 4.57 27.24 -11.60
C GLN B 93 4.26 25.78 -11.26
N ALA B 94 3.01 25.40 -11.44
CA ALA B 94 2.67 24.00 -11.60
C ALA B 94 2.95 23.73 -13.08
N ALA B 95 4.09 23.12 -13.36
CA ALA B 95 4.60 23.14 -14.73
C ALA B 95 3.87 22.16 -15.64
N LYS B 96 4.14 22.27 -16.95
CA LYS B 96 3.85 21.18 -17.89
C LYS B 96 5.11 20.33 -18.02
N GLY B 97 4.99 19.02 -17.81
CA GLY B 97 6.16 18.15 -17.93
C GLY B 97 5.87 16.67 -18.15
N GLY B 98 5.59 16.33 -19.43
CA GLY B 98 5.42 14.91 -19.82
C GLY B 98 6.19 14.66 -21.11
N ALA B 99 5.84 13.59 -21.83
CA ALA B 99 6.58 13.27 -23.07
C ALA B 99 6.52 14.43 -24.08
N ARG B 100 5.43 15.20 -24.06
CA ARG B 100 5.27 16.36 -24.95
C ARG B 100 5.35 17.66 -24.17
N GLY B 101 4.85 17.64 -22.94
CA GLY B 101 4.80 18.84 -22.12
C GLY B 101 3.43 19.48 -22.20
N GLN B 102 2.52 19.04 -21.34
CA GLN B 102 1.12 19.47 -21.37
C GLN B 102 0.50 19.49 -19.99
N TRP B 103 -0.68 20.10 -19.88
CA TRP B 103 -1.49 19.97 -18.67
C TRP B 103 -2.13 18.57 -18.64
N ALA B 104 -2.36 18.05 -17.44
CA ALA B 104 -2.88 16.67 -17.28
C ALA B 104 -4.41 16.65 -17.20
N GLY B 105 -5.02 15.56 -17.66
CA GLY B 105 -6.47 15.44 -17.65
C GLY B 105 -7.08 15.26 -19.03
N SER B 106 -8.40 15.07 -19.06
CA SER B 106 -9.14 14.94 -20.31
C SER B 106 -9.20 16.28 -21.05
N GLY B 107 -9.61 16.25 -22.32
CA GLY B 107 -9.59 17.45 -23.15
C GLY B 107 -8.18 18.01 -23.23
N ALA B 108 -8.07 19.32 -23.06
CA ALA B 108 -6.78 20.02 -23.12
C ALA B 108 -6.04 20.04 -21.77
N GLY B 109 -6.60 19.37 -20.78
CA GLY B 109 -5.98 19.26 -19.47
C GLY B 109 -6.49 20.27 -18.46
N PHE B 110 -6.13 20.06 -17.20
CA PHE B 110 -6.44 21.00 -16.14
C PHE B 110 -5.32 22.01 -16.03
N GLU B 111 -5.56 23.22 -16.49
CA GLU B 111 -4.60 24.28 -16.25
C GLU B 111 -4.61 24.64 -14.77
N ARG B 112 -3.43 24.73 -14.17
CA ARG B 112 -3.33 25.00 -12.74
C ARG B 112 -2.78 26.40 -12.54
N ALA B 113 -3.40 27.15 -11.63
CA ALA B 113 -2.94 28.50 -11.38
C ALA B 113 -1.54 28.47 -10.74
N GLU B 114 -0.84 29.61 -10.80
CA GLU B 114 0.45 29.76 -10.16
C GLU B 114 0.30 29.99 -8.64
N GLY B 115 1.35 29.65 -7.90
CA GLY B 115 1.38 29.85 -6.45
C GLY B 115 0.34 29.07 -5.68
N SER B 116 -0.05 27.91 -6.21
CA SER B 116 -1.24 27.19 -5.71
C SER B 116 -0.97 25.86 -5.00
N TYR B 117 0.29 25.58 -4.69
CA TYR B 117 0.68 24.35 -4.02
C TYR B 117 1.75 24.62 -2.98
N ILE B 118 1.68 23.90 -1.87
CA ILE B 118 2.65 24.02 -0.81
C ILE B 118 3.35 22.69 -0.60
N TYR B 119 4.65 22.76 -0.39
CA TYR B 119 5.40 21.58 -0.05
C TYR B 119 5.94 21.79 1.34
N ILE B 120 5.91 20.75 2.15
CA ILE B 120 6.64 20.78 3.40
C ILE B 120 7.52 19.54 3.51
N ALA B 121 8.78 19.76 3.90
CA ALA B 121 9.79 18.71 3.85
C ALA B 121 10.91 19.06 4.80
N PRO B 122 11.72 18.05 5.19
CA PRO B 122 12.97 18.43 5.87
C PRO B 122 13.74 19.37 4.97
N ASN B 123 14.46 20.32 5.56
CA ASN B 123 15.33 21.20 4.79
C ASN B 123 16.64 20.47 4.57
N ASN B 124 16.57 19.39 3.77
CA ASN B 124 17.73 18.56 3.49
C ASN B 124 18.02 18.38 1.99
N GLY B 125 17.39 19.19 1.15
CA GLY B 125 17.59 19.08 -0.30
C GLY B 125 16.55 18.22 -1.00
N LEU B 126 15.64 17.63 -0.24
CA LEU B 126 14.58 16.81 -0.82
C LEU B 126 13.78 17.58 -1.89
N LEU B 127 13.64 18.88 -1.69
CA LEU B 127 12.86 19.74 -2.57
C LEU B 127 13.67 20.37 -3.71
N THR B 128 14.91 19.94 -3.89
CA THR B 128 15.78 20.55 -4.89
C THR B 128 15.14 20.68 -6.26
N THR B 129 14.66 19.55 -6.81
CA THR B 129 14.08 19.55 -8.15
C THR B 129 12.71 20.22 -8.20
N VAL B 130 11.96 20.14 -7.11
CA VAL B 130 10.68 20.86 -6.98
C VAL B 130 10.90 22.36 -7.21
N LEU B 131 11.83 22.96 -6.45
CA LEU B 131 12.15 24.37 -6.60
C LEU B 131 12.76 24.70 -7.97
N GLU B 132 13.65 23.83 -8.42
CA GLU B 132 14.31 24.02 -9.71
C GLU B 132 13.29 24.05 -10.86
N GLU B 133 12.36 23.09 -10.85
CA GLU B 133 11.39 22.98 -11.92
C GLU B 133 10.22 23.95 -11.78
N HIS B 134 9.74 24.18 -10.56
CA HIS B 134 8.55 24.98 -10.35
C HIS B 134 8.79 26.42 -9.90
N GLY B 135 9.97 26.68 -9.33
CA GLY B 135 10.24 27.99 -8.71
C GLY B 135 9.48 28.09 -7.39
N TYR B 136 9.74 29.15 -6.63
CA TYR B 136 8.95 29.35 -5.42
C TYR B 136 8.66 30.81 -5.12
N LEU B 137 7.57 31.06 -4.40
CA LEU B 137 7.11 32.42 -4.13
C LEU B 137 7.50 32.86 -2.71
N GLU B 138 7.55 31.91 -1.80
CA GLU B 138 7.93 32.18 -0.42
C GLU B 138 8.38 30.87 0.23
N ALA B 139 9.26 30.98 1.22
CA ALA B 139 9.76 29.81 1.96
C ALA B 139 9.98 30.19 3.42
N TYR B 140 9.55 29.30 4.31
CA TYR B 140 9.64 29.51 5.74
C TYR B 140 10.16 28.28 6.50
N GLU B 141 10.91 28.57 7.56
CA GLU B 141 11.37 27.54 8.47
C GLU B 141 10.20 27.16 9.35
N VAL B 142 10.05 25.87 9.62
CA VAL B 142 8.88 25.40 10.36
C VAL B 142 9.24 25.23 11.84
N THR B 143 8.85 26.23 12.64
CA THR B 143 9.28 26.28 14.04
C THR B 143 8.17 26.58 15.04
N SER B 144 7.06 27.15 14.61
CA SER B 144 6.06 27.57 15.57
C SER B 144 5.44 26.37 16.30
N PRO B 145 5.33 26.44 17.63
CA PRO B 145 4.64 25.43 18.42
C PRO B 145 3.15 25.32 18.10
N LYS B 146 2.63 26.25 17.29
CA LYS B 146 1.26 26.11 16.79
C LYS B 146 1.17 24.97 15.78
N VAL B 147 2.25 24.69 15.07
CA VAL B 147 2.18 23.64 14.04
C VAL B 147 3.14 22.46 14.21
N ILE B 148 4.06 22.54 15.17
CA ILE B 148 4.87 21.38 15.55
C ILE B 148 4.77 21.15 17.05
N PRO B 149 5.16 19.95 17.50
CA PRO B 149 5.14 19.64 18.94
C PRO B 149 6.19 20.44 19.69
N GLU B 150 5.85 20.84 20.92
CA GLU B 150 6.79 21.51 21.81
C GLU B 150 7.88 20.53 22.26
N GLN B 151 7.52 19.25 22.30
CA GLN B 151 8.41 18.18 22.71
C GLN B 151 8.39 17.10 21.63
N PRO B 152 9.06 17.35 20.51
CA PRO B 152 9.00 16.39 19.41
C PRO B 152 9.73 15.10 19.69
N GLU B 153 9.15 13.99 19.25
CA GLU B 153 9.79 12.69 19.35
C GLU B 153 11.07 12.72 18.55
N PRO B 154 12.22 12.57 19.22
CA PRO B 154 13.54 12.62 18.59
C PRO B 154 13.69 11.77 17.33
N THR B 155 13.16 10.56 17.32
CA THR B 155 13.37 9.69 16.16
C THR B 155 12.22 9.72 15.18
N PHE B 156 11.33 10.69 15.27
CA PHE B 156 10.17 10.67 14.38
C PHE B 156 9.82 12.03 13.82
N TYR B 157 10.83 12.73 13.31
CA TYR B 157 10.60 14.05 12.73
C TYR B 157 9.73 14.03 11.46
N SER B 158 9.67 12.91 10.75
CA SER B 158 8.76 12.83 9.59
C SER B 158 7.31 13.06 10.03
N ARG B 159 6.99 12.60 11.23
CA ARG B 159 5.67 12.79 11.82
C ARG B 159 5.59 14.16 12.49
N GLU B 160 6.61 14.49 13.30
CA GLU B 160 6.54 15.71 14.12
C GLU B 160 6.69 16.99 13.31
N MET B 161 7.57 16.95 12.31
CA MET B 161 8.05 18.16 11.64
C MET B 161 7.58 18.23 10.19
N VAL B 162 6.76 17.25 9.78
CA VAL B 162 6.20 17.22 8.43
C VAL B 162 4.71 16.90 8.48
N ALA B 163 4.34 15.71 8.94
CA ALA B 163 2.94 15.30 8.97
C ALA B 163 2.09 16.29 9.74
N ILE B 164 2.45 16.54 10.99
CA ILE B 164 1.66 17.46 11.82
C ILE B 164 1.50 18.86 11.16
N PRO B 165 2.62 19.57 10.92
CA PRO B 165 2.51 20.87 10.25
C PRO B 165 1.81 20.85 8.89
N SER B 166 1.96 19.78 8.10
CA SER B 166 1.20 19.69 6.84
C SER B 166 -0.32 19.73 7.05
N ALA B 167 -0.80 19.08 8.10
CA ALA B 167 -2.24 19.12 8.41
C ALA B 167 -2.70 20.53 8.82
N HIS B 168 -1.88 21.25 9.57
CA HIS B 168 -2.23 22.63 9.92
C HIS B 168 -2.30 23.46 8.64
N LEU B 169 -1.32 23.29 7.76
CA LEU B 169 -1.33 24.03 6.49
C LEU B 169 -2.59 23.71 5.67
N ALA B 170 -2.93 22.42 5.62
CA ALA B 170 -4.10 21.96 4.87
C ALA B 170 -5.40 22.52 5.45
N ALA B 171 -5.45 22.65 6.79
CA ALA B 171 -6.58 23.27 7.51
C ALA B 171 -6.61 24.79 7.35
N GLY B 172 -5.62 25.33 6.64
CA GLY B 172 -5.59 26.77 6.34
C GLY B 172 -4.80 27.65 7.30
N PHE B 173 -3.93 27.04 8.10
CA PHE B 173 -3.00 27.81 8.93
C PHE B 173 -2.10 28.63 8.00
N PRO B 174 -1.98 29.97 8.22
CA PRO B 174 -1.22 30.81 7.29
C PRO B 174 0.22 30.30 7.09
N LEU B 175 0.63 30.11 5.85
CA LEU B 175 1.99 29.65 5.56
C LEU B 175 3.07 30.45 6.29
N SER B 176 2.97 31.77 6.18
CA SER B 176 3.99 32.68 6.69
C SER B 176 4.08 32.74 8.21
N GLU B 177 3.20 32.01 8.88
CA GLU B 177 3.17 31.98 10.34
C GLU B 177 3.84 30.72 10.92
N VAL B 178 4.30 29.83 10.06
CA VAL B 178 4.97 28.60 10.52
C VAL B 178 6.36 28.90 11.12
N GLY B 179 6.90 30.05 10.75
CA GLY B 179 8.22 30.43 11.22
C GLY B 179 8.81 31.45 10.29
N ARG B 180 10.08 31.73 10.49
CA ARG B 180 10.73 32.85 9.79
C ARG B 180 10.97 32.51 8.32
N PRO B 181 11.03 33.56 7.48
CA PRO B 181 11.39 33.44 6.07
C PRO B 181 12.81 32.90 5.92
N LEU B 182 12.98 31.99 4.97
CA LEU B 182 14.30 31.47 4.69
C LEU B 182 14.86 32.11 3.45
N GLU B 183 16.11 32.55 3.52
CA GLU B 183 16.79 33.06 2.36
C GLU B 183 17.10 31.90 1.42
N ASP B 184 17.15 32.19 0.12
CA ASP B 184 17.33 31.11 -0.82
C ASP B 184 18.53 30.26 -0.42
N HIS B 185 19.62 30.89 0.05
CA HIS B 185 20.83 30.12 0.32
C HIS B 185 20.66 29.19 1.53
N GLU B 186 19.64 29.43 2.34
CA GLU B 186 19.38 28.61 3.53
C GLU B 186 18.59 27.36 3.17
N ILE B 187 18.16 27.28 1.92
CA ILE B 187 17.42 26.13 1.43
C ILE B 187 18.40 25.13 0.84
N VAL B 188 18.65 24.07 1.58
CA VAL B 188 19.64 23.08 1.19
C VAL B 188 19.24 22.47 -0.15
N ARG B 189 20.21 22.34 -1.05
CA ARG B 189 19.98 21.68 -2.33
C ARG B 189 21.04 20.61 -2.52
N PHE B 190 20.71 19.56 -3.25
CA PHE B 190 21.73 18.62 -3.71
C PHE B 190 22.14 18.98 -5.13
N ASN B 191 23.33 18.56 -5.55
CA ASN B 191 23.76 18.82 -6.92
C ASN B 191 23.13 17.78 -7.84
N ARG B 192 22.67 18.21 -9.00
CA ARG B 192 22.21 17.26 -9.99
C ARG B 192 23.02 17.47 -11.26
N PRO B 193 23.92 16.52 -11.55
CA PRO B 193 24.76 16.53 -12.73
C PRO B 193 23.94 16.70 -14.01
N ALA B 194 24.50 17.39 -14.99
CA ALA B 194 23.80 17.60 -16.24
C ALA B 194 24.05 16.44 -17.19
N VAL B 195 23.27 16.37 -18.26
CA VAL B 195 23.61 15.52 -19.38
C VAL B 195 24.74 16.23 -20.11
N GLU B 196 25.85 15.53 -20.32
CA GLU B 196 27.00 16.12 -20.98
C GLU B 196 26.86 16.01 -22.49
N GLN B 197 26.82 17.17 -23.15
CA GLN B 197 26.70 17.21 -24.61
C GLN B 197 28.01 16.80 -25.25
N ASP B 198 28.44 15.59 -24.94
CA ASP B 198 29.62 14.99 -25.53
C ASP B 198 29.53 14.99 -27.06
N GLY B 199 30.54 15.57 -27.72
CA GLY B 199 30.59 15.64 -29.18
C GLY B 199 29.21 15.66 -29.81
N GLU B 200 28.90 14.60 -30.55
CA GLU B 200 27.58 14.43 -31.17
C GLU B 200 26.60 13.72 -30.23
N ALA B 201 27.14 13.00 -29.24
CA ALA B 201 26.32 12.23 -28.31
C ALA B 201 25.84 13.03 -27.09
N LEU B 202 24.81 12.51 -26.43
CA LEU B 202 24.38 13.03 -25.13
C LEU B 202 24.71 11.97 -24.08
N VAL B 203 25.48 12.38 -23.07
CA VAL B 203 26.02 11.44 -22.08
C VAL B 203 25.39 11.64 -20.70
N GLY B 204 24.75 10.60 -20.17
CA GLY B 204 24.09 10.65 -18.87
C GLY B 204 24.10 9.32 -18.13
N VAL B 205 23.09 9.09 -17.31
CA VAL B 205 23.02 7.88 -16.46
C VAL B 205 21.64 7.25 -16.48
N VAL B 206 21.58 5.98 -16.08
CA VAL B 206 20.31 5.39 -15.70
C VAL B 206 19.87 6.04 -14.38
N SER B 207 18.74 6.71 -14.41
CA SER B 207 18.30 7.47 -13.27
C SER B 207 17.43 6.59 -12.37
N ALA B 208 16.73 5.63 -12.98
CA ALA B 208 15.88 4.72 -12.22
C ALA B 208 15.57 3.47 -13.02
N ILE B 209 15.32 2.36 -12.32
CA ILE B 209 14.67 1.21 -12.93
C ILE B 209 13.19 1.41 -12.67
N ASP B 210 12.38 1.35 -13.72
CA ASP B 210 10.98 1.67 -13.59
C ASP B 210 10.23 0.43 -13.10
N HIS B 211 10.06 0.31 -11.80
CA HIS B 211 9.30 -0.78 -11.19
C HIS B 211 7.81 -0.56 -11.39
N PRO B 212 7.04 -1.65 -11.58
CA PRO B 212 7.41 -3.07 -11.61
C PRO B 212 7.70 -3.66 -12.99
N PHE B 213 7.89 -2.82 -14.00
CA PHE B 213 8.01 -3.30 -15.36
C PHE B 213 9.44 -3.66 -15.74
N GLY B 214 10.40 -3.09 -15.05
CA GLY B 214 11.81 -3.29 -15.39
C GLY B 214 12.25 -2.40 -16.55
N ASN B 215 11.49 -1.35 -16.82
CA ASN B 215 11.93 -0.39 -17.83
C ASN B 215 13.12 0.41 -17.29
N VAL B 216 13.94 0.91 -18.20
CA VAL B 216 15.14 1.66 -17.83
C VAL B 216 14.97 3.15 -18.16
N TRP B 217 14.97 3.98 -17.12
CA TRP B 217 14.88 5.42 -17.30
C TRP B 217 16.24 6.08 -17.22
N THR B 218 16.53 7.01 -18.13
CA THR B 218 17.77 7.77 -18.08
C THR B 218 17.44 9.19 -17.66
N ASN B 219 18.45 9.97 -17.30
CA ASN B 219 18.26 11.39 -16.96
C ASN B 219 18.32 12.31 -18.19
N ILE B 220 18.39 11.70 -19.37
CA ILE B 220 18.44 12.41 -20.64
C ILE B 220 17.04 12.86 -21.08
N HIS B 221 16.75 14.14 -20.87
CA HIS B 221 15.39 14.66 -21.04
C HIS B 221 15.13 15.03 -22.50
N ARG B 222 13.86 15.07 -22.90
CA ARG B 222 13.54 15.42 -24.29
C ARG B 222 14.16 16.75 -24.70
N THR B 223 14.25 17.70 -23.80
CA THR B 223 14.91 18.98 -24.11
C THR B 223 16.38 18.75 -24.50
N ASP B 224 17.04 17.83 -23.82
CA ASP B 224 18.39 17.41 -24.18
C ASP B 224 18.40 16.85 -25.60
N LEU B 225 17.42 15.99 -25.91
CA LEU B 225 17.32 15.40 -27.25
C LEU B 225 17.11 16.47 -28.33
N GLU B 226 16.26 17.44 -28.02
CA GLU B 226 16.09 18.60 -28.89
C GLU B 226 17.35 19.45 -28.81
N LYS B 227 17.81 19.98 -29.93
CA LYS B 227 19.03 20.73 -29.83
C LYS B 227 20.19 19.81 -30.14
N ALA B 228 19.93 18.51 -30.09
CA ALA B 228 20.75 17.54 -30.80
C ALA B 228 19.92 17.15 -32.01
N GLY B 229 18.70 17.69 -32.05
CA GLY B 229 17.79 17.52 -33.18
C GLY B 229 17.17 16.14 -33.24
N ILE B 230 17.06 15.50 -32.07
CA ILE B 230 16.56 14.13 -32.01
C ILE B 230 15.07 14.06 -31.65
N GLY B 231 14.28 13.47 -32.54
CA GLY B 231 12.87 13.28 -32.30
C GLY B 231 12.39 11.91 -32.75
N TYR B 232 11.11 11.64 -32.52
CA TYR B 232 10.51 10.38 -32.93
C TYR B 232 10.93 10.04 -34.34
N GLY B 233 11.23 8.77 -34.59
CA GLY B 233 11.60 8.32 -35.91
C GLY B 233 13.11 8.22 -36.09
N ALA B 234 13.84 8.95 -35.25
CA ALA B 234 15.30 8.97 -35.33
C ALA B 234 15.92 7.63 -34.94
N ARG B 235 16.71 7.05 -35.83
CA ARG B 235 17.43 5.82 -35.50
C ARG B 235 18.49 6.15 -34.48
N LEU B 236 18.35 5.61 -33.27
CA LEU B 236 19.28 5.90 -32.19
C LEU B 236 20.18 4.71 -31.82
N ARG B 237 21.34 5.05 -31.29
CA ARG B 237 22.13 4.10 -30.52
C ARG B 237 22.11 4.57 -29.06
N LEU B 238 21.43 3.83 -28.19
CA LEU B 238 21.47 4.08 -26.76
C LEU B 238 22.37 3.04 -26.11
N THR B 239 23.55 3.46 -25.68
CA THR B 239 24.52 2.57 -25.05
C THR B 239 24.41 2.60 -23.53
N LEU B 240 24.06 1.46 -22.93
CA LEU B 240 24.02 1.38 -21.47
C LEU B 240 25.27 0.71 -20.91
N ASP B 241 25.65 1.11 -19.70
CA ASP B 241 26.72 0.45 -18.97
C ASP B 241 28.03 0.38 -19.76
N GLY B 242 28.11 1.18 -20.81
CA GLY B 242 29.35 1.27 -21.59
C GLY B 242 29.54 0.18 -22.62
N VAL B 243 28.78 -0.91 -22.51
CA VAL B 243 29.01 -2.09 -23.35
C VAL B 243 27.76 -2.65 -24.03
N LEU B 244 26.59 -2.05 -23.78
CA LEU B 244 25.35 -2.48 -24.41
C LEU B 244 24.81 -1.44 -25.42
N PRO B 245 25.31 -1.48 -26.67
CA PRO B 245 24.82 -0.57 -27.72
C PRO B 245 23.44 -0.93 -28.27
N PHE B 246 22.38 -0.60 -27.53
CA PHE B 246 21.03 -0.84 -28.01
C PHE B 246 20.74 0.03 -29.23
N GLU B 247 20.09 -0.55 -30.23
CA GLU B 247 19.71 0.21 -31.42
C GLU B 247 18.22 0.09 -31.75
N ALA B 248 17.55 1.23 -31.85
CA ALA B 248 16.15 1.27 -32.20
C ALA B 248 15.80 2.71 -32.62
N PRO B 249 14.73 2.86 -33.41
CA PRO B 249 14.24 4.22 -33.62
C PRO B 249 13.57 4.69 -32.34
N LEU B 250 13.65 5.99 -32.08
CA LEU B 250 12.88 6.57 -30.99
C LEU B 250 11.40 6.54 -31.37
N THR B 251 10.60 5.84 -30.57
CA THR B 251 9.17 5.69 -30.83
C THR B 251 8.33 6.17 -29.63
N PRO B 252 7.08 6.56 -29.90
CA PRO B 252 6.24 7.05 -28.81
C PRO B 252 6.03 6.04 -27.71
N THR B 253 6.01 4.74 -28.05
CA THR B 253 5.57 3.75 -27.08
C THR B 253 6.15 2.34 -27.29
N PHE B 254 5.93 1.48 -26.30
CA PHE B 254 6.46 0.13 -26.31
C PHE B 254 6.07 -0.71 -27.53
N ALA B 255 4.80 -0.66 -27.93
CA ALA B 255 4.29 -1.59 -28.96
C ALA B 255 4.92 -1.33 -30.33
N ASP B 256 5.41 -0.10 -30.51
CA ASP B 256 6.05 0.28 -31.76
C ASP B 256 7.24 -0.61 -32.09
N ALA B 257 7.73 -1.34 -31.10
CA ALA B 257 8.90 -2.20 -31.30
C ALA B 257 8.51 -3.49 -32.04
N GLY B 258 7.21 -3.74 -32.11
CA GLY B 258 6.74 -4.92 -32.84
C GLY B 258 6.54 -6.10 -31.93
N GLU B 259 7.25 -7.19 -32.20
CA GLU B 259 7.10 -8.39 -31.39
C GLU B 259 7.26 -8.13 -29.88
N ILE B 260 6.49 -8.85 -29.06
CA ILE B 260 6.70 -8.83 -27.62
C ILE B 260 8.15 -9.21 -27.30
N GLY B 261 8.77 -8.45 -26.40
CA GLY B 261 10.18 -8.69 -26.06
C GLY B 261 11.18 -7.86 -26.86
N ASN B 262 10.72 -7.26 -27.95
CA ASN B 262 11.59 -6.42 -28.78
C ASN B 262 11.96 -5.12 -28.07
N ILE B 263 13.15 -4.60 -28.35
CA ILE B 263 13.58 -3.39 -27.68
C ILE B 263 12.81 -2.17 -28.19
N ALA B 264 12.36 -1.34 -27.26
CA ALA B 264 11.86 0.00 -27.57
C ALA B 264 12.69 1.11 -26.90
N ILE B 265 13.00 2.15 -27.66
CA ILE B 265 13.57 3.36 -27.11
C ILE B 265 12.51 4.43 -27.29
N TYR B 266 12.17 5.11 -26.20
CA TYR B 266 11.03 5.99 -26.22
C TYR B 266 11.22 7.12 -25.24
N LEU B 267 10.24 8.01 -25.19
CA LEU B 267 10.19 9.03 -24.16
C LEU B 267 9.16 8.64 -23.13
N ASN B 268 9.60 8.49 -21.88
CA ASN B 268 8.68 8.12 -20.82
C ASN B 268 7.72 9.25 -20.43
N SER B 269 6.76 8.95 -19.56
CA SER B 269 5.69 9.89 -19.29
C SER B 269 6.18 11.07 -18.45
N ARG B 270 7.45 11.03 -18.07
CA ARG B 270 8.08 12.13 -17.33
C ARG B 270 8.86 13.02 -18.27
N GLY B 271 8.92 12.63 -19.53
CA GLY B 271 9.65 13.37 -20.56
C GLY B 271 11.08 12.90 -20.78
N TYR B 272 11.45 11.74 -20.23
CA TYR B 272 12.84 11.30 -20.32
C TYR B 272 13.08 10.13 -21.25
N LEU B 273 14.24 10.13 -21.87
CA LEU B 273 14.64 9.07 -22.76
C LEU B 273 14.75 7.79 -21.95
N SER B 274 14.11 6.74 -22.45
CA SER B 274 14.03 5.50 -21.70
C SER B 274 14.23 4.35 -22.66
N ILE B 275 14.46 3.16 -22.12
CA ILE B 275 14.57 1.97 -22.94
C ILE B 275 13.86 0.83 -22.23
N ALA B 276 13.24 -0.03 -23.01
CA ALA B 276 12.40 -1.07 -22.46
C ALA B 276 12.30 -2.19 -23.50
N ARG B 277 11.73 -3.30 -23.09
CA ARG B 277 11.25 -4.33 -24.02
C ARG B 277 9.74 -4.27 -24.10
N ASN B 278 9.17 -4.62 -25.26
CA ASN B 278 7.74 -4.57 -25.47
C ASN B 278 7.06 -5.67 -24.69
N ALA B 279 6.32 -5.28 -23.65
CA ALA B 279 5.60 -6.19 -22.78
C ALA B 279 6.48 -7.33 -22.25
N ALA B 280 7.71 -6.98 -21.87
CA ALA B 280 8.60 -7.89 -21.19
C ALA B 280 9.54 -7.01 -20.37
N SER B 281 10.31 -7.58 -19.46
CA SER B 281 11.19 -6.75 -18.64
C SER B 281 12.60 -6.68 -19.21
N LEU B 282 13.16 -5.47 -19.27
CA LEU B 282 14.53 -5.28 -19.73
C LEU B 282 15.57 -5.37 -18.60
N ALA B 283 15.28 -4.70 -17.49
CA ALA B 283 16.25 -4.49 -16.43
C ALA B 283 16.44 -5.74 -15.56
N TYR B 284 15.35 -6.45 -15.31
CA TYR B 284 15.36 -7.51 -14.32
C TYR B 284 16.18 -8.72 -14.75
N PRO B 285 15.97 -9.22 -15.97
CA PRO B 285 16.70 -10.40 -16.41
C PRO B 285 18.20 -10.20 -16.46
N TYR B 286 18.64 -9.00 -16.84
CA TYR B 286 20.07 -8.74 -17.00
C TYR B 286 20.61 -7.93 -15.84
N HIS B 287 19.77 -7.72 -14.84
CA HIS B 287 20.15 -7.00 -13.63
C HIS B 287 20.78 -5.64 -13.95
N LEU B 288 20.12 -4.89 -14.83
CA LEU B 288 20.56 -3.50 -15.06
C LEU B 288 20.13 -2.69 -13.84
N LYS B 289 20.88 -1.63 -13.55
CA LYS B 289 20.72 -0.89 -12.32
C LYS B 289 20.80 0.62 -12.54
N GLU B 290 20.13 1.35 -11.66
CA GLU B 290 20.29 2.79 -11.52
C GLU B 290 21.76 3.17 -11.36
N GLY B 291 22.18 4.24 -12.03
CA GLY B 291 23.56 4.69 -11.92
C GLY B 291 24.51 4.18 -12.99
N MET B 292 24.06 3.24 -13.82
CA MET B 292 24.84 2.82 -14.99
C MET B 292 24.84 3.93 -16.04
N SER B 293 25.93 4.03 -16.79
CA SER B 293 26.05 5.04 -17.84
C SER B 293 25.00 4.88 -18.94
N ALA B 294 24.57 6.02 -19.49
CA ALA B 294 23.61 6.06 -20.58
C ALA B 294 24.02 7.11 -21.65
N ARG B 295 24.29 6.63 -22.86
CA ARG B 295 24.74 7.51 -23.95
C ARG B 295 23.83 7.34 -25.14
N VAL B 296 23.37 8.43 -25.71
CA VAL B 296 22.50 8.33 -26.87
C VAL B 296 23.09 9.16 -28.00
N GLU B 297 22.75 8.79 -29.23
CA GLU B 297 23.27 9.41 -30.45
C GLU B 297 22.49 8.83 -31.64
N ALA B 298 22.37 9.60 -32.70
CA ALA B 298 21.60 9.16 -33.87
C ALA B 298 22.50 8.71 -35.02
N ARG C 8 -17.32 12.57 11.54
CA ARG C 8 -16.65 11.86 10.43
C ARG C 8 -16.03 10.55 10.94
N PRO C 9 -16.76 9.43 10.81
CA PRO C 9 -16.31 8.18 11.40
C PRO C 9 -15.05 7.64 10.71
N ILE C 10 -14.13 7.10 11.51
CA ILE C 10 -12.92 6.50 11.01
C ILE C 10 -12.79 5.04 11.44
N ILE C 11 -12.38 4.18 10.51
CA ILE C 11 -11.92 2.86 10.86
C ILE C 11 -10.45 2.80 10.51
N ALA C 12 -9.61 2.44 11.46
CA ALA C 12 -8.20 2.17 11.16
C ALA C 12 -8.02 0.66 11.12
N PHE C 13 -7.44 0.18 10.02
CA PHE C 13 -7.55 -1.21 9.62
C PHE C 13 -6.16 -1.86 9.55
N MET C 14 -5.95 -2.84 10.41
CA MET C 14 -4.69 -3.56 10.47
C MET C 14 -5.02 -5.02 10.26
N SER C 15 -4.41 -5.64 9.26
CA SER C 15 -4.67 -7.08 9.04
C SER C 15 -3.43 -7.81 8.58
N ASP C 16 -3.56 -9.12 8.38
CA ASP C 16 -2.52 -9.98 7.77
C ASP C 16 -2.92 -10.39 6.34
N LEU C 17 -3.82 -9.64 5.72
CA LEU C 17 -4.38 -10.02 4.42
C LEU C 17 -3.46 -9.71 3.23
N GLY C 18 -2.43 -8.88 3.47
CA GLY C 18 -1.52 -8.44 2.41
C GLY C 18 -2.14 -7.38 1.50
N THR C 19 -1.36 -6.94 0.52
CA THR C 19 -1.87 -6.00 -0.46
C THR C 19 -1.62 -6.50 -1.89
N THR C 20 -1.67 -7.81 -2.10
CA THR C 20 -1.44 -8.34 -3.43
C THR C 20 -2.72 -8.84 -4.11
N ASP C 21 -3.82 -8.94 -3.38
CA ASP C 21 -5.08 -9.33 -4.00
C ASP C 21 -6.22 -8.41 -3.55
N ASP C 22 -7.46 -8.84 -3.80
CA ASP C 22 -8.64 -8.01 -3.52
C ASP C 22 -9.19 -8.19 -2.09
N SER C 23 -8.45 -8.89 -1.22
CA SER C 23 -8.96 -9.21 0.12
C SER C 23 -9.28 -7.97 0.95
N VAL C 24 -8.33 -7.03 1.03
CA VAL C 24 -8.56 -5.78 1.75
C VAL C 24 -9.68 -4.95 1.10
N ALA C 25 -9.72 -4.91 -0.24
CA ALA C 25 -10.78 -4.19 -0.97
C ALA C 25 -12.16 -4.76 -0.70
N GLN C 26 -12.29 -6.08 -0.59
CA GLN C 26 -13.59 -6.67 -0.22
C GLN C 26 -14.07 -6.15 1.13
N CYS C 27 -13.14 -6.03 2.08
CA CYS C 27 -13.42 -5.51 3.41
C CYS C 27 -13.80 -4.04 3.40
N LYS C 28 -13.01 -3.24 2.68
CA LYS C 28 -13.28 -1.80 2.58
C LYS C 28 -14.61 -1.53 1.90
N GLY C 29 -14.89 -2.26 0.82
CA GLY C 29 -16.17 -2.17 0.11
C GLY C 29 -17.33 -2.30 1.07
N LEU C 30 -17.30 -3.35 1.89
CA LEU C 30 -18.33 -3.57 2.89
C LEU C 30 -18.37 -2.48 3.97
N MET C 31 -17.19 -1.98 4.36
CA MET C 31 -17.11 -0.82 5.29
C MET C 31 -17.85 0.40 4.75
N TYR C 32 -17.62 0.73 3.48
CA TYR C 32 -18.32 1.86 2.86
C TYR C 32 -19.80 1.58 2.64
N SER C 33 -20.15 0.33 2.34
CA SER C 33 -21.55 -0.09 2.23
C SER C 33 -22.31 0.17 3.52
N ILE C 34 -21.66 -0.11 4.64
CA ILE C 34 -22.33 -0.10 5.94
C ILE C 34 -22.32 1.26 6.62
N CYS C 35 -21.22 1.98 6.40
CA CYS C 35 -20.99 3.27 7.00
C CYS C 35 -20.60 4.24 5.90
N PRO C 36 -21.59 4.69 5.11
CA PRO C 36 -21.35 5.53 3.93
C PRO C 36 -20.31 6.65 4.12
N ASP C 37 -20.35 7.34 5.26
CA ASP C 37 -19.46 8.49 5.48
C ASP C 37 -18.12 8.13 6.11
N VAL C 38 -17.78 6.84 6.11
CA VAL C 38 -16.58 6.40 6.78
C VAL C 38 -15.28 6.79 6.06
N THR C 39 -14.21 6.89 6.84
CA THR C 39 -12.89 7.02 6.24
C THR C 39 -12.12 5.81 6.72
N VAL C 40 -11.68 4.97 5.78
CA VAL C 40 -10.82 3.86 6.14
C VAL C 40 -9.34 4.26 6.00
N VAL C 41 -8.61 4.18 7.11
CA VAL C 41 -7.16 4.40 7.15
C VAL C 41 -6.49 3.04 7.32
N ASP C 42 -5.55 2.74 6.43
CA ASP C 42 -4.80 1.52 6.54
C ASP C 42 -3.72 1.77 7.60
N VAL C 43 -3.59 0.83 8.52
CA VAL C 43 -2.46 0.85 9.42
C VAL C 43 -1.39 0.09 8.68
N CYS C 44 -1.53 -1.22 8.57
CA CYS C 44 -0.69 -2.02 7.67
C CYS C 44 -1.35 -3.37 7.47
N HIS C 45 -0.94 -4.06 6.42
CA HIS C 45 -1.56 -5.34 6.08
C HIS C 45 -0.51 -6.40 5.80
N SER C 46 0.73 -6.10 6.14
CA SER C 46 1.91 -6.89 5.79
C SER C 46 2.43 -7.76 6.93
N MET C 47 1.75 -7.77 8.07
CA MET C 47 2.27 -8.47 9.24
C MET C 47 2.49 -9.95 8.92
N THR C 48 3.50 -10.54 9.54
CA THR C 48 3.67 -11.99 9.41
C THR C 48 2.35 -12.64 9.79
N PRO C 49 1.77 -13.45 8.90
CA PRO C 49 0.47 -14.04 9.22
C PRO C 49 0.47 -14.86 10.51
N TRP C 50 -0.57 -14.70 11.31
CA TRP C 50 -0.76 -15.54 12.50
C TRP C 50 0.17 -15.25 13.66
N ASP C 51 1.03 -14.23 13.49
CA ASP C 51 1.91 -13.76 14.56
C ASP C 51 1.20 -12.70 15.38
N VAL C 52 0.46 -13.14 16.40
CA VAL C 52 -0.37 -12.22 17.17
C VAL C 52 0.49 -11.18 17.92
N GLU C 53 1.71 -11.54 18.28
CA GLU C 53 2.60 -10.62 18.99
C GLU C 53 3.02 -9.44 18.11
N GLU C 54 3.35 -9.73 16.85
CA GLU C 54 3.70 -8.70 15.89
C GLU C 54 2.52 -7.78 15.57
N GLY C 55 1.36 -8.37 15.30
CA GLY C 55 0.17 -7.56 15.07
C GLY C 55 -0.13 -6.64 16.25
N ALA C 56 0.10 -7.11 17.47
CA ALA C 56 -0.19 -6.31 18.65
C ALA C 56 0.69 -5.06 18.69
N ARG C 57 1.95 -5.20 18.24
CA ARG C 57 2.87 -4.07 18.17
C ARG C 57 2.40 -2.95 17.24
N TYR C 58 1.68 -3.31 16.19
CA TYR C 58 1.26 -2.32 15.19
C TYR C 58 0.01 -1.55 15.61
N ILE C 59 -0.67 -2.03 16.65
CA ILE C 59 -1.93 -1.41 17.02
C ILE C 59 -1.97 -0.82 18.41
N VAL C 60 -1.01 -1.19 19.24
CA VAL C 60 -1.08 -0.86 20.65
C VAL C 60 -1.00 0.64 20.91
N ASP C 61 -0.23 1.38 20.12
CA ASP C 61 -0.10 2.82 20.41
C ASP C 61 -0.84 3.74 19.43
N LEU C 62 -1.82 3.20 18.73
CA LEU C 62 -2.58 3.96 17.76
C LEU C 62 -3.51 5.03 18.34
N PRO C 63 -4.24 4.72 19.43
CA PRO C 63 -5.34 5.59 19.83
C PRO C 63 -4.98 7.07 19.96
N ARG C 64 -3.85 7.40 20.58
CA ARG C 64 -3.57 8.81 20.83
C ARG C 64 -3.37 9.63 19.55
N PHE C 65 -3.09 8.93 18.43
CA PHE C 65 -2.90 9.62 17.15
C PHE C 65 -4.19 9.89 16.39
N PHE C 66 -5.24 9.19 16.75
CA PHE C 66 -6.52 9.26 16.03
C PHE C 66 -7.61 10.10 16.70
N PRO C 67 -8.52 10.67 15.90
CA PRO C 67 -9.62 11.41 16.52
C PRO C 67 -10.42 10.49 17.40
N GLU C 68 -11.04 11.05 18.45
CA GLU C 68 -11.92 10.25 19.31
C GLU C 68 -13.09 9.63 18.54
N GLY C 69 -13.45 8.39 18.87
CA GLY C 69 -14.52 7.68 18.17
C GLY C 69 -14.00 6.75 17.08
N THR C 70 -12.69 6.80 16.83
CA THR C 70 -12.07 5.92 15.84
C THR C 70 -12.26 4.46 16.26
N VAL C 71 -12.56 3.62 15.28
CA VAL C 71 -12.69 2.20 15.50
C VAL C 71 -11.51 1.49 14.90
N PHE C 72 -10.81 0.73 15.74
CA PHE C 72 -9.69 -0.03 15.27
C PHE C 72 -10.09 -1.47 14.89
N ALA C 73 -10.07 -1.76 13.60
CA ALA C 73 -10.32 -3.13 13.11
C ALA C 73 -8.99 -3.81 12.89
N THR C 74 -8.69 -4.83 13.71
CA THR C 74 -7.34 -5.37 13.81
C THR C 74 -7.42 -6.89 13.84
N THR C 75 -6.79 -7.54 12.86
CA THR C 75 -7.03 -8.97 12.69
C THR C 75 -5.96 -9.81 12.00
N THR C 76 -5.51 -10.85 12.70
CA THR C 76 -4.97 -12.06 12.08
C THR C 76 -5.87 -13.14 12.67
N TYR C 77 -6.46 -13.98 11.81
CA TYR C 77 -7.55 -14.86 12.21
C TYR C 77 -7.31 -16.33 11.81
N PRO C 78 -6.21 -16.95 12.29
CA PRO C 78 -5.96 -18.37 11.95
C PRO C 78 -7.05 -19.33 12.49
N ALA C 79 -7.88 -18.87 13.43
CA ALA C 79 -9.00 -19.71 13.90
C ALA C 79 -10.24 -19.43 13.08
N THR C 80 -10.07 -18.77 11.94
CA THR C 80 -11.19 -18.47 11.02
C THR C 80 -12.04 -19.71 10.72
N GLY C 81 -13.35 -19.55 10.83
CA GLY C 81 -14.28 -20.62 10.48
C GLY C 81 -14.57 -21.61 11.59
N THR C 82 -13.96 -21.39 12.75
CA THR C 82 -14.29 -22.22 13.91
C THR C 82 -15.44 -21.59 14.69
N THR C 83 -15.78 -22.16 15.85
CA THR C 83 -16.86 -21.59 16.63
C THR C 83 -16.44 -20.29 17.31
N THR C 84 -15.18 -19.91 17.18
CA THR C 84 -14.69 -18.72 17.86
C THR C 84 -15.42 -17.49 17.35
N ARG C 85 -15.54 -16.48 18.21
CA ARG C 85 -16.10 -15.23 17.81
C ARG C 85 -15.19 -14.08 18.25
N SER C 86 -15.23 -12.99 17.49
CA SER C 86 -14.42 -11.82 17.77
C SER C 86 -14.80 -11.18 19.09
N VAL C 87 -13.90 -10.35 19.60
CA VAL C 87 -14.18 -9.55 20.77
C VAL C 87 -14.10 -8.07 20.37
N ALA C 88 -15.03 -7.27 20.88
CA ALA C 88 -15.03 -5.84 20.65
C ALA C 88 -14.97 -5.13 22.00
N VAL C 89 -13.99 -4.25 22.17
CA VAL C 89 -13.78 -3.57 23.44
C VAL C 89 -13.66 -2.06 23.32
N ARG C 90 -14.19 -1.35 24.32
CA ARG C 90 -13.90 0.07 24.46
C ARG C 90 -12.76 0.22 25.47
N ILE C 91 -11.67 0.81 25.02
CA ILE C 91 -10.49 0.97 25.86
C ILE C 91 -10.70 2.18 26.78
N LYS C 92 -9.89 2.27 27.83
CA LYS C 92 -10.04 3.36 28.80
C LYS C 92 -9.15 4.58 28.48
N GLN C 93 -7.87 4.54 28.86
CA GLN C 93 -6.94 5.65 28.61
C GLN C 93 -6.38 5.55 27.21
N ALA C 94 -6.30 6.67 26.51
CA ALA C 94 -5.71 6.70 25.17
C ALA C 94 -4.22 6.69 25.33
N ALA C 95 -3.77 7.29 26.44
CA ALA C 95 -2.41 7.09 26.94
C ALA C 95 -1.37 8.00 26.33
N LYS C 96 -0.15 7.47 26.24
CA LYS C 96 0.97 8.29 25.84
C LYS C 96 2.08 7.34 25.49
N GLY C 97 2.91 7.73 24.53
CA GLY C 97 3.97 6.87 24.04
C GLY C 97 5.29 7.62 23.94
N GLY C 98 6.15 7.16 23.03
CA GLY C 98 7.51 7.66 22.96
C GLY C 98 8.31 7.10 24.11
N ALA C 99 9.44 7.73 24.43
CA ALA C 99 10.27 7.28 25.54
C ALA C 99 10.00 8.11 26.80
N ARG C 100 8.73 8.29 27.13
CA ARG C 100 8.34 9.08 28.31
C ARG C 100 6.86 8.89 28.67
N GLY C 101 6.00 8.88 27.66
CA GLY C 101 4.55 8.92 27.87
C GLY C 101 4.05 10.35 27.81
N GLN C 102 3.18 10.62 26.83
CA GLN C 102 2.74 11.98 26.52
C GLN C 102 1.65 11.97 25.44
N TRP C 103 1.17 13.14 25.07
CA TRP C 103 0.15 13.25 24.04
C TRP C 103 0.78 13.62 22.69
N ALA C 104 0.21 13.12 21.61
CA ALA C 104 0.75 13.36 20.27
C ALA C 104 0.17 14.65 19.65
N GLY C 105 0.92 15.25 18.74
CA GLY C 105 0.47 16.48 18.09
C GLY C 105 1.26 17.73 18.36
N SER C 106 0.81 18.83 17.76
CA SER C 106 1.49 20.09 17.87
C SER C 106 1.25 20.65 19.26
N GLY C 107 2.02 21.67 19.62
CA GLY C 107 1.91 22.28 20.96
C GLY C 107 2.18 21.22 22.01
N ALA C 108 1.33 21.18 23.03
CA ALA C 108 1.44 20.18 24.11
C ALA C 108 0.77 18.86 23.75
N GLY C 109 0.39 18.71 22.49
CA GLY C 109 -0.29 17.52 22.06
C GLY C 109 -1.79 17.63 22.23
N PHE C 110 -2.50 16.64 21.74
CA PHE C 110 -3.95 16.60 21.84
C PHE C 110 -4.36 15.55 22.85
N GLU C 111 -4.95 15.99 23.95
CA GLU C 111 -5.48 15.04 24.92
C GLU C 111 -6.69 14.27 24.38
N ARG C 112 -6.76 12.99 24.70
CA ARG C 112 -7.92 12.17 24.31
C ARG C 112 -8.76 11.78 25.55
N ALA C 113 -10.06 12.05 25.51
CA ALA C 113 -10.93 11.64 26.60
C ALA C 113 -10.87 10.11 26.73
N GLU C 114 -11.11 9.63 27.95
CA GLU C 114 -11.09 8.19 28.21
C GLU C 114 -12.29 7.53 27.52
N GLY C 115 -12.18 6.24 27.21
CA GLY C 115 -13.25 5.50 26.57
C GLY C 115 -13.63 5.94 25.16
N SER C 116 -12.67 6.46 24.40
CA SER C 116 -12.98 7.11 23.13
C SER C 116 -12.66 6.24 21.94
N TYR C 117 -12.20 5.01 22.20
CA TYR C 117 -11.78 4.11 21.13
C TYR C 117 -12.27 2.69 21.33
N ILE C 118 -12.61 2.03 20.24
CA ILE C 118 -13.08 0.67 20.27
C ILE C 118 -12.19 -0.17 19.41
N TYR C 119 -11.77 -1.32 19.93
CA TYR C 119 -11.04 -2.29 19.12
C TYR C 119 -11.94 -3.47 18.86
N ILE C 120 -11.90 -4.00 17.65
CA ILE C 120 -12.58 -5.24 17.38
C ILE C 120 -11.60 -6.19 16.70
N ALA C 121 -11.44 -7.36 17.29
CA ALA C 121 -10.40 -8.28 16.89
C ALA C 121 -10.86 -9.70 17.18
N PRO C 122 -10.20 -10.66 16.55
CA PRO C 122 -10.37 -12.03 16.99
C PRO C 122 -9.99 -12.11 18.47
N ASN C 123 -10.68 -12.98 19.21
CA ASN C 123 -10.36 -13.23 20.60
C ASN C 123 -9.23 -14.27 20.68
N ASN C 124 -8.04 -13.88 20.20
CA ASN C 124 -6.89 -14.79 20.13
C ASN C 124 -5.65 -14.19 20.78
N GLY C 125 -5.85 -13.15 21.57
CA GLY C 125 -4.75 -12.49 22.26
C GLY C 125 -4.15 -11.31 21.50
N LEU C 126 -4.65 -11.01 20.32
CA LEU C 126 -4.12 -9.89 19.53
C LEU C 126 -4.16 -8.57 20.29
N LEU C 127 -5.15 -8.41 21.16
CA LEU C 127 -5.35 -7.18 21.90
C LEU C 127 -4.63 -7.18 23.25
N THR C 128 -3.83 -8.21 23.48
CA THR C 128 -3.17 -8.35 24.77
C THR C 128 -2.52 -7.05 25.26
N THR C 129 -1.59 -6.51 24.47
CA THR C 129 -0.87 -5.31 24.92
C THR C 129 -1.74 -4.05 24.93
N VAL C 130 -2.75 -4.01 24.07
CA VAL C 130 -3.71 -2.90 24.05
C VAL C 130 -4.45 -2.76 25.39
N LEU C 131 -4.92 -3.90 25.90
CA LEU C 131 -5.69 -3.90 27.15
C LEU C 131 -4.79 -3.57 28.31
N GLU C 132 -3.58 -4.11 28.27
CA GLU C 132 -2.58 -3.84 29.28
C GLU C 132 -2.23 -2.36 29.37
N GLU C 133 -1.89 -1.76 28.22
CA GLU C 133 -1.47 -0.37 28.18
C GLU C 133 -2.61 0.63 28.39
N HIS C 134 -3.82 0.26 27.98
CA HIS C 134 -4.94 1.21 27.95
C HIS C 134 -6.05 0.91 28.94
N GLY C 135 -6.18 -0.34 29.35
CA GLY C 135 -7.32 -0.75 30.15
C GLY C 135 -8.55 -0.75 29.26
N TYR C 136 -9.69 -1.13 29.81
CA TYR C 136 -10.93 -1.16 29.05
C TYR C 136 -12.14 -0.97 29.95
N LEU C 137 -13.21 -0.48 29.36
CA LEU C 137 -14.41 -0.15 30.11
C LEU C 137 -15.45 -1.22 29.93
N GLU C 138 -15.40 -1.89 28.78
CA GLU C 138 -16.39 -2.91 28.46
C GLU C 138 -15.90 -3.77 27.31
N ALA C 139 -16.26 -5.04 27.32
CA ALA C 139 -15.86 -6.00 26.29
C ALA C 139 -17.01 -6.97 26.00
N TYR C 140 -17.18 -7.30 24.73
CA TYR C 140 -18.32 -8.06 24.26
C TYR C 140 -17.91 -9.08 23.22
N GLU C 141 -18.58 -10.23 23.24
CA GLU C 141 -18.43 -11.22 22.21
C GLU C 141 -19.20 -10.71 21.00
N VAL C 142 -18.66 -10.87 19.80
CA VAL C 142 -19.33 -10.37 18.59
C VAL C 142 -20.14 -11.49 17.89
N THR C 143 -21.45 -11.52 18.14
CA THR C 143 -22.31 -12.65 17.71
C THR C 143 -23.61 -12.25 16.98
N SER C 144 -24.08 -11.02 17.18
CA SER C 144 -25.37 -10.63 16.61
C SER C 144 -25.38 -10.53 15.10
N PRO C 145 -26.42 -11.12 14.47
CA PRO C 145 -26.51 -11.11 13.00
C PRO C 145 -26.81 -9.71 12.47
N LYS C 146 -27.00 -8.75 13.37
CA LYS C 146 -27.03 -7.35 13.00
C LYS C 146 -25.66 -6.82 12.58
N VAL C 147 -24.60 -7.47 13.05
CA VAL C 147 -23.27 -6.93 12.78
C VAL C 147 -22.31 -7.93 12.14
N ILE C 148 -22.68 -9.20 12.07
CA ILE C 148 -21.92 -10.20 11.30
C ILE C 148 -22.87 -10.99 10.41
N PRO C 149 -22.33 -11.72 9.43
CA PRO C 149 -23.17 -12.48 8.50
C PRO C 149 -23.80 -13.67 9.18
N GLU C 150 -25.04 -13.99 8.77
CA GLU C 150 -25.71 -15.19 9.24
C GLU C 150 -25.00 -16.43 8.71
N GLN C 151 -24.45 -16.33 7.50
CA GLN C 151 -23.68 -17.41 6.91
C GLN C 151 -22.25 -16.93 6.59
N PRO C 152 -21.40 -16.82 7.62
CA PRO C 152 -20.08 -16.25 7.31
C PRO C 152 -19.19 -17.24 6.55
N GLU C 153 -18.45 -16.72 5.58
CA GLU C 153 -17.50 -17.50 4.82
C GLU C 153 -16.43 -18.04 5.76
N PRO C 154 -16.32 -19.40 5.86
CA PRO C 154 -15.42 -20.09 6.77
C PRO C 154 -13.97 -19.57 6.76
N THR C 155 -13.43 -19.32 5.59
CA THR C 155 -12.02 -18.98 5.51
C THR C 155 -11.81 -17.47 5.52
N PHE C 156 -12.85 -16.69 5.85
CA PHE C 156 -12.65 -15.25 5.80
C PHE C 156 -13.20 -14.49 7.00
N TYR C 157 -12.88 -14.96 8.19
CA TYR C 157 -13.43 -14.31 9.39
C TYR C 157 -12.86 -12.89 9.56
N SER C 158 -11.69 -12.60 8.98
CA SER C 158 -11.17 -11.21 9.02
C SER C 158 -12.15 -10.21 8.40
N ARG C 159 -12.86 -10.64 7.35
CA ARG C 159 -13.94 -9.85 6.74
C ARG C 159 -15.24 -9.99 7.52
N GLU C 160 -15.67 -11.22 7.78
CA GLU C 160 -16.99 -11.46 8.37
C GLU C 160 -17.07 -10.98 9.81
N MET C 161 -15.99 -11.18 10.58
CA MET C 161 -16.07 -11.07 12.05
C MET C 161 -15.29 -9.87 12.59
N VAL C 162 -14.74 -9.09 11.68
CA VAL C 162 -13.97 -7.91 12.06
C VAL C 162 -14.34 -6.72 11.19
N ALA C 163 -14.07 -6.82 9.90
CA ALA C 163 -14.34 -5.72 8.97
C ALA C 163 -15.81 -5.27 8.95
N ILE C 164 -16.72 -6.24 8.80
CA ILE C 164 -18.15 -5.92 8.76
C ILE C 164 -18.60 -5.33 10.09
N PRO C 165 -18.39 -6.06 11.20
CA PRO C 165 -18.82 -5.47 12.47
C PRO C 165 -18.18 -4.13 12.82
N SER C 166 -16.91 -3.94 12.45
CA SER C 166 -16.25 -2.67 12.70
C SER C 166 -16.99 -1.52 12.02
N ALA C 167 -17.51 -1.77 10.81
CA ALA C 167 -18.25 -0.75 10.04
C ALA C 167 -19.57 -0.36 10.70
N HIS C 168 -20.24 -1.35 11.29
CA HIS C 168 -21.46 -1.07 12.06
C HIS C 168 -21.12 -0.21 13.28
N LEU C 169 -20.06 -0.59 13.99
CA LEU C 169 -19.62 0.19 15.14
C LEU C 169 -19.26 1.63 14.77
N ALA C 170 -18.57 1.80 13.65
CA ALA C 170 -18.18 3.13 13.19
C ALA C 170 -19.43 3.94 12.86
N ALA C 171 -20.44 3.22 12.34
CA ALA C 171 -21.76 3.80 12.02
C ALA C 171 -22.63 4.13 13.24
N GLY C 172 -22.26 3.63 14.41
CA GLY C 172 -22.98 3.97 15.62
C GLY C 172 -23.82 2.86 16.19
N PHE C 173 -23.65 1.63 15.68
CA PHE C 173 -24.32 0.50 16.31
C PHE C 173 -23.82 0.40 17.75
N PRO C 174 -24.75 0.33 18.73
CA PRO C 174 -24.33 0.24 20.13
C PRO C 174 -23.41 -0.95 20.40
N LEU C 175 -22.22 -0.64 20.91
CA LEU C 175 -21.25 -1.65 21.27
C LEU C 175 -21.87 -2.79 22.10
N SER C 176 -22.59 -2.44 23.16
CA SER C 176 -23.21 -3.42 24.06
C SER C 176 -24.20 -4.38 23.40
N GLU C 177 -24.56 -4.11 22.14
CA GLU C 177 -25.54 -4.97 21.46
C GLU C 177 -24.90 -5.91 20.46
N VAL C 178 -23.57 -5.90 20.36
CA VAL C 178 -22.93 -6.78 19.39
C VAL C 178 -23.01 -8.23 19.87
N GLY C 179 -23.20 -8.42 21.17
CA GLY C 179 -23.23 -9.75 21.74
C GLY C 179 -23.15 -9.65 23.25
N ARG C 180 -23.00 -10.79 23.91
CA ARG C 180 -22.94 -10.80 25.36
C ARG C 180 -21.61 -10.26 25.87
N PRO C 181 -21.62 -9.74 27.11
CA PRO C 181 -20.44 -9.21 27.73
C PRO C 181 -19.47 -10.35 28.02
N LEU C 182 -18.18 -10.05 27.96
CA LEU C 182 -17.15 -11.03 28.26
C LEU C 182 -16.52 -10.66 29.60
N GLU C 183 -16.33 -11.67 30.46
CA GLU C 183 -15.53 -11.48 31.67
C GLU C 183 -14.06 -11.36 31.25
N ASP C 184 -13.22 -10.84 32.14
CA ASP C 184 -11.83 -10.64 31.82
C ASP C 184 -11.13 -11.95 31.44
N HIS C 185 -11.45 -13.02 32.15
CA HIS C 185 -10.75 -14.30 31.94
C HIS C 185 -11.08 -14.91 30.58
N GLU C 186 -12.15 -14.44 29.98
CA GLU C 186 -12.63 -14.96 28.70
C GLU C 186 -11.91 -14.31 27.52
N ILE C 187 -11.15 -13.25 27.79
CA ILE C 187 -10.42 -12.56 26.76
C ILE C 187 -9.03 -13.17 26.74
N VAL C 188 -8.67 -13.81 25.65
CA VAL C 188 -7.39 -14.51 25.53
C VAL C 188 -6.22 -13.52 25.53
N ARG C 189 -5.18 -13.85 26.28
CA ARG C 189 -3.94 -13.06 26.30
C ARG C 189 -2.76 -13.90 25.87
N PHE C 190 -1.78 -13.30 25.21
CA PHE C 190 -0.52 -14.01 24.99
C PHE C 190 0.47 -13.64 26.08
N ASN C 191 1.41 -14.55 26.31
CA ASN C 191 2.42 -14.41 27.32
C ASN C 191 3.58 -13.60 26.75
N ARG C 192 4.05 -12.63 27.51
CA ARG C 192 5.20 -11.86 27.06
C ARG C 192 6.46 -12.10 27.88
N PRO C 193 7.46 -12.72 27.23
CA PRO C 193 8.73 -13.09 27.85
C PRO C 193 9.35 -11.88 28.53
N ALA C 194 9.79 -12.07 29.77
CA ALA C 194 10.40 -11.00 30.54
C ALA C 194 11.90 -10.89 30.26
N VAL C 195 12.43 -9.69 30.49
CA VAL C 195 13.86 -9.47 30.46
C VAL C 195 14.48 -10.10 31.70
N GLU C 196 15.45 -10.98 31.51
CA GLU C 196 16.11 -11.66 32.61
C GLU C 196 17.43 -10.98 32.97
N GLN C 197 18.00 -11.33 34.11
CA GLN C 197 19.26 -10.75 34.56
C GLN C 197 20.36 -11.81 34.61
N ASP C 198 21.54 -11.48 34.07
CA ASP C 198 22.72 -12.32 34.21
C ASP C 198 23.90 -11.46 34.65
N GLY C 199 24.37 -11.65 35.88
CA GLY C 199 25.29 -10.69 36.47
C GLY C 199 24.54 -9.37 36.50
N GLU C 200 25.13 -8.33 35.91
CA GLU C 200 24.42 -7.05 35.80
C GLU C 200 23.99 -6.72 34.37
N ALA C 201 24.22 -7.66 33.45
CA ALA C 201 23.72 -7.54 32.07
C ALA C 201 22.24 -7.84 32.01
N LEU C 202 21.51 -7.06 31.22
CA LEU C 202 20.12 -7.39 30.90
C LEU C 202 20.10 -8.28 29.65
N VAL C 203 19.21 -9.27 29.65
CA VAL C 203 19.13 -10.24 28.57
C VAL C 203 17.71 -10.38 28.05
N GLY C 204 17.46 -9.84 26.86
CA GLY C 204 16.18 -10.01 26.21
C GLY C 204 16.32 -10.54 24.79
N VAL C 205 15.55 -9.95 23.88
CA VAL C 205 15.55 -10.39 22.50
C VAL C 205 15.44 -9.21 21.56
N VAL C 206 15.71 -9.45 20.29
CA VAL C 206 15.35 -8.53 19.25
C VAL C 206 13.84 -8.74 19.04
N SER C 207 13.05 -7.74 19.40
CA SER C 207 11.62 -7.81 19.17
C SER C 207 11.25 -7.50 17.72
N ALA C 208 12.08 -6.73 17.03
CA ALA C 208 11.74 -6.38 15.66
C ALA C 208 12.93 -5.88 14.87
N ILE C 209 12.97 -6.17 13.56
CA ILE C 209 13.80 -5.39 12.66
C ILE C 209 12.89 -4.29 12.13
N ASP C 210 13.31 -3.05 12.31
CA ASP C 210 12.47 -1.90 11.98
C ASP C 210 12.64 -1.52 10.52
N HIS C 211 11.79 -2.11 9.68
CA HIS C 211 11.85 -1.90 8.25
C HIS C 211 11.23 -0.55 7.99
N PRO C 212 11.67 0.14 6.93
CA PRO C 212 12.70 -0.19 5.96
C PRO C 212 14.12 0.22 6.31
N PHE C 213 14.35 0.64 7.55
CA PHE C 213 15.63 1.26 7.92
C PHE C 213 16.71 0.26 8.36
N GLY C 214 16.28 -0.91 8.81
CA GLY C 214 17.21 -1.94 9.29
C GLY C 214 17.66 -1.66 10.71
N ASN C 215 16.91 -0.81 11.41
CA ASN C 215 17.15 -0.60 12.84
C ASN C 215 16.80 -1.85 13.63
N VAL C 216 17.44 -2.01 14.79
CA VAL C 216 17.20 -3.20 15.61
C VAL C 216 16.52 -2.81 16.90
N TRP C 217 15.31 -3.32 17.09
CA TRP C 217 14.55 -3.08 18.32
C TRP C 217 14.63 -4.25 19.30
N THR C 218 14.96 -3.96 20.55
CA THR C 218 14.99 -4.97 21.61
C THR C 218 13.71 -4.89 22.44
N ASN C 219 13.48 -5.92 23.25
CA ASN C 219 12.39 -5.92 24.23
C ASN C 219 12.90 -5.37 25.57
N ILE C 220 14.10 -4.81 25.56
CA ILE C 220 14.68 -4.21 26.76
C ILE C 220 14.22 -2.76 26.85
N HIS C 221 13.36 -2.48 27.84
CA HIS C 221 12.70 -1.19 27.95
C HIS C 221 13.49 -0.22 28.82
N ARG C 222 13.22 1.07 28.61
CA ARG C 222 13.73 2.16 29.44
C ARG C 222 13.74 1.79 30.91
N THR C 223 12.62 1.25 31.39
CA THR C 223 12.45 0.93 32.80
C THR C 223 13.42 -0.13 33.27
N ASP C 224 13.72 -1.08 32.38
CA ASP C 224 14.68 -2.13 32.71
C ASP C 224 16.06 -1.52 32.85
N LEU C 225 16.36 -0.56 32.00
CA LEU C 225 17.62 0.18 32.08
C LEU C 225 17.63 1.05 33.33
N GLU C 226 16.77 2.06 33.37
CA GLU C 226 16.53 2.83 34.60
C GLU C 226 16.33 1.85 35.74
N LYS C 227 16.73 2.23 36.94
CA LYS C 227 16.72 1.26 38.03
C LYS C 227 17.42 0.01 37.51
N ALA C 228 18.49 0.26 36.77
CA ALA C 228 19.51 -0.71 36.43
C ALA C 228 20.82 0.09 36.39
N GLY C 229 20.69 1.40 36.21
CA GLY C 229 21.83 2.30 36.25
C GLY C 229 22.07 3.04 34.95
N ILE C 230 21.45 2.55 33.88
CA ILE C 230 21.70 3.07 32.55
C ILE C 230 20.86 4.31 32.23
N GLY C 231 21.55 5.39 31.86
CA GLY C 231 20.91 6.65 31.44
C GLY C 231 21.50 7.17 30.14
N TYR C 232 20.92 8.26 29.63
CA TYR C 232 21.24 8.79 28.29
C TYR C 232 22.69 9.13 27.93
N GLY C 233 23.66 8.68 28.71
CA GLY C 233 25.05 8.94 28.32
C GLY C 233 25.94 7.75 28.56
N ALA C 234 25.32 6.66 29.01
CA ALA C 234 26.07 5.49 29.45
C ALA C 234 26.71 4.77 28.26
N ARG C 235 28.00 4.47 28.38
CA ARG C 235 28.65 3.56 27.45
C ARG C 235 28.09 2.16 27.64
N LEU C 236 27.42 1.66 26.61
CA LEU C 236 26.82 0.33 26.68
C LEU C 236 27.53 -0.65 25.73
N ARG C 237 27.55 -1.91 26.13
CA ARG C 237 27.93 -3.01 25.23
C ARG C 237 26.71 -3.89 24.92
N LEU C 238 26.30 -3.88 23.66
CA LEU C 238 25.12 -4.60 23.24
C LEU C 238 25.59 -5.73 22.32
N THR C 239 25.35 -6.97 22.77
CA THR C 239 25.71 -8.16 22.02
C THR C 239 24.45 -8.79 21.43
N LEU C 240 24.49 -9.08 20.13
CA LEU C 240 23.31 -9.66 19.45
C LEU C 240 23.57 -11.09 18.98
N ASP C 241 22.55 -11.96 19.11
CA ASP C 241 22.65 -13.34 18.64
C ASP C 241 23.75 -14.11 19.36
N GLY C 242 24.16 -13.57 20.50
CA GLY C 242 25.19 -14.19 21.30
C GLY C 242 26.58 -14.04 20.70
N VAL C 243 26.71 -13.32 19.59
CA VAL C 243 28.01 -13.21 18.91
C VAL C 243 28.45 -11.78 18.60
N LEU C 244 27.59 -11.05 17.91
CA LEU C 244 27.89 -9.71 17.40
C LEU C 244 27.83 -8.65 18.48
N PRO C 245 28.99 -8.11 18.89
CA PRO C 245 29.04 -7.06 19.89
C PRO C 245 29.03 -5.67 19.26
N PHE C 246 28.34 -4.72 19.89
CA PHE C 246 28.42 -3.29 19.52
C PHE C 246 28.68 -2.42 20.75
N GLU C 247 29.45 -1.34 20.58
CA GLU C 247 29.66 -0.38 21.68
C GLU C 247 29.33 1.07 21.32
N ALA C 248 28.62 1.75 22.21
CA ALA C 248 28.27 3.15 21.99
C ALA C 248 27.53 3.70 23.21
N PRO C 249 27.62 5.02 23.41
CA PRO C 249 26.78 5.71 24.40
C PRO C 249 25.30 5.64 24.06
N LEU C 250 24.46 5.57 25.10
CA LEU C 250 23.02 5.69 24.89
C LEU C 250 22.69 7.14 24.52
N THR C 251 22.08 7.33 23.34
CA THR C 251 21.75 8.66 22.81
C THR C 251 20.29 8.71 22.37
N PRO C 252 19.71 9.91 22.33
CA PRO C 252 18.30 9.99 21.94
C PRO C 252 18.03 9.76 20.44
N THR C 253 19.03 9.94 19.59
CA THR C 253 18.79 9.81 18.15
C THR C 253 19.97 9.32 17.32
N PHE C 254 19.73 9.16 16.02
CA PHE C 254 20.70 8.54 15.12
C PHE C 254 21.93 9.41 14.85
N ALA C 255 21.72 10.68 14.53
CA ALA C 255 22.80 11.59 14.17
C ALA C 255 23.78 11.83 15.30
N ASP C 256 23.35 11.48 16.51
CA ASP C 256 24.18 11.66 17.70
C ASP C 256 25.42 10.78 17.56
N ALA C 257 25.29 9.71 16.78
CA ALA C 257 26.41 8.84 16.46
C ALA C 257 27.55 9.56 15.75
N GLY C 258 27.26 10.74 15.20
CA GLY C 258 28.25 11.50 14.43
C GLY C 258 28.26 11.10 12.96
N GLU C 259 29.42 10.66 12.47
CA GLU C 259 29.56 10.21 11.09
C GLU C 259 28.42 9.29 10.65
N ILE C 260 27.89 9.52 9.46
CA ILE C 260 27.06 8.53 8.76
C ILE C 260 27.64 7.11 8.82
N GLY C 261 26.83 6.14 9.25
CA GLY C 261 27.28 4.75 9.38
C GLY C 261 27.69 4.35 10.79
N ASN C 262 27.97 5.34 11.64
CA ASN C 262 28.36 5.06 13.03
C ASN C 262 27.23 4.43 13.86
N ILE C 263 27.61 3.65 14.88
CA ILE C 263 26.65 2.95 15.71
C ILE C 263 25.93 3.90 16.66
N ALA C 264 24.60 3.84 16.64
CA ALA C 264 23.78 4.52 17.61
C ALA C 264 23.00 3.50 18.44
N ILE C 265 23.16 3.60 19.75
CA ILE C 265 22.36 2.84 20.68
C ILE C 265 21.43 3.87 21.33
N TYR C 266 20.13 3.66 21.19
CA TYR C 266 19.15 4.66 21.59
C TYR C 266 17.89 4.00 22.13
N LEU C 267 16.96 4.84 22.59
CA LEU C 267 15.62 4.40 22.91
C LEU C 267 14.74 4.79 21.72
N ASN C 268 13.97 3.83 21.22
CA ASN C 268 13.03 4.14 20.17
C ASN C 268 11.81 4.85 20.78
N SER C 269 10.79 5.13 19.98
CA SER C 269 9.65 5.90 20.46
C SER C 269 8.81 5.13 21.46
N ARG C 270 8.84 3.80 21.38
CA ARG C 270 8.09 2.97 22.30
C ARG C 270 8.87 2.74 23.59
N GLY C 271 9.98 3.45 23.75
CA GLY C 271 10.78 3.37 24.98
C GLY C 271 11.75 2.22 25.09
N TYR C 272 11.92 1.46 24.00
CA TYR C 272 12.77 0.27 24.02
C TYR C 272 14.21 0.50 23.54
N LEU C 273 15.14 -0.17 24.20
CA LEU C 273 16.53 -0.15 23.79
C LEU C 273 16.64 -0.63 22.36
N SER C 274 17.19 0.22 21.50
CA SER C 274 17.39 -0.13 20.09
C SER C 274 18.81 0.18 19.65
N ILE C 275 19.19 -0.35 18.48
CA ILE C 275 20.52 -0.08 17.95
C ILE C 275 20.43 0.08 16.44
N ALA C 276 21.21 1.03 15.92
CA ALA C 276 21.15 1.36 14.50
C ALA C 276 22.51 1.88 14.05
N ARG C 277 22.72 1.99 12.75
CA ARG C 277 23.80 2.84 12.23
C ARG C 277 23.16 4.17 11.87
N ASN C 278 23.95 5.22 11.86
CA ASN C 278 23.38 6.53 11.55
C ASN C 278 23.21 6.70 10.04
N ALA C 279 21.96 6.80 9.61
CA ALA C 279 21.60 6.95 8.20
C ALA C 279 22.28 5.89 7.36
N ALA C 280 22.19 4.65 7.83
CA ALA C 280 22.64 3.47 7.16
C ALA C 280 21.93 2.30 7.83
N SER C 281 21.86 1.16 7.15
CA SER C 281 21.13 0.02 7.68
C SER C 281 22.06 -0.92 8.48
N LEU C 282 21.72 -1.17 9.73
CA LEU C 282 22.45 -2.12 10.58
C LEU C 282 22.09 -3.58 10.30
N ALA C 283 20.78 -3.85 10.27
CA ALA C 283 20.28 -5.22 10.26
C ALA C 283 20.61 -5.96 8.98
N TYR C 284 20.48 -5.28 7.85
CA TYR C 284 20.43 -5.98 6.58
C TYR C 284 21.76 -6.61 6.17
N PRO C 285 22.87 -5.84 6.29
CA PRO C 285 24.21 -6.35 5.96
C PRO C 285 24.66 -7.50 6.85
N TYR C 286 24.25 -7.48 8.11
CA TYR C 286 24.65 -8.52 9.08
C TYR C 286 23.57 -9.58 9.20
N HIS C 287 22.49 -9.37 8.45
CA HIS C 287 21.37 -10.29 8.45
C HIS C 287 20.83 -10.54 9.84
N LEU C 288 20.74 -9.45 10.60
CA LEU C 288 20.16 -9.53 11.93
C LEU C 288 18.67 -9.75 11.80
N LYS C 289 18.08 -10.47 12.76
CA LYS C 289 16.70 -10.89 12.65
C LYS C 289 15.96 -10.81 13.98
N GLU C 290 14.63 -10.68 13.89
CA GLU C 290 13.75 -10.77 15.04
C GLU C 290 14.00 -12.09 15.75
N GLY C 291 14.06 -12.04 17.08
CA GLY C 291 14.16 -13.27 17.88
C GLY C 291 15.59 -13.59 18.28
N MET C 292 16.54 -12.94 17.64
CA MET C 292 17.92 -13.07 18.09
C MET C 292 18.00 -12.53 19.51
N SER C 293 18.73 -13.22 20.36
CA SER C 293 19.00 -12.72 21.70
C SER C 293 19.67 -11.34 21.63
N ALA C 294 19.43 -10.54 22.66
CA ALA C 294 20.07 -9.25 22.81
C ALA C 294 20.50 -9.10 24.27
N ARG C 295 21.78 -8.79 24.47
CA ARG C 295 22.32 -8.63 25.80
C ARG C 295 22.98 -7.25 25.93
N VAL C 296 22.68 -6.55 27.02
CA VAL C 296 23.24 -5.23 27.24
C VAL C 296 23.95 -5.18 28.60
N GLU C 297 25.11 -4.55 28.65
CA GLU C 297 25.79 -4.24 29.91
C GLU C 297 26.41 -2.84 29.81
N ALA C 298 26.54 -2.17 30.95
CA ALA C 298 27.08 -0.80 30.96
C ALA C 298 28.55 -0.74 30.53
#